data_2BEK
#
_entry.id   2BEK
#
_cell.length_a   87.434
_cell.length_b   95.908
_cell.length_c   123.943
_cell.angle_alpha   90.00
_cell.angle_beta   90.00
_cell.angle_gamma   90.00
#
_symmetry.space_group_name_H-M   'P 21 21 21'
#
loop_
_entity.id
_entity.type
_entity.pdbx_description
1 polymer 'SEGREGATION PROTEIN'
2 non-polymer "ADENOSINE-5'-TRIPHOSPHATE"
3 non-polymer 'MAGNESIUM ION'
4 water water
#
_entity_poly.entity_id   1
_entity_poly.type   'polypeptide(L)'
_entity_poly.pdbx_seq_one_letter_code
;MLRAKVRRIALANQKGGVGKTTTAINLAAYLARLGKRVLLVDLAPQGNATSGLGVRAERGVYHLLQGEPLEGLVHPVDGF
HLLPATPDLVGATVELAGAPTALREALRDEGYDLVLLDAPPSLSPLTLNALAAAEGVVVPVQAEYYALEGVAGLLATLEE
VRAGLNPRLRLLGILVTMYDGRTLLAQQVEAQLRAHFGEKVFWTVIPRNVRLAEAPSFGKTIAQHAPTSPGAHAYRRLAE
EVMARVQEAGSHHHHHH
;
_entity_poly.pdbx_strand_id   A,B,C,D
#
loop_
_chem_comp.id
_chem_comp.type
_chem_comp.name
_chem_comp.formula
ATP non-polymer ADENOSINE-5'-TRIPHOSPHATE 'C10 H16 N5 O13 P3'
MG non-polymer 'MAGNESIUM ION' 'Mg 2'
#
# COMPACT_ATOMS: atom_id res chain seq x y z
N LYS A 5 -21.27 -2.17 21.28
CA LYS A 5 -20.77 -2.89 20.06
C LYS A 5 -21.42 -2.31 18.80
N VAL A 6 -20.81 -2.57 17.65
CA VAL A 6 -21.31 -2.06 16.38
C VAL A 6 -22.37 -2.98 15.76
N ARG A 7 -23.58 -2.44 15.62
CA ARG A 7 -24.69 -3.19 15.03
C ARG A 7 -25.18 -2.48 13.78
N ARG A 8 -25.31 -1.15 13.89
CA ARG A 8 -25.78 -0.31 12.78
C ARG A 8 -24.61 0.31 12.03
N ILE A 9 -24.56 0.04 10.73
CA ILE A 9 -23.49 0.55 9.89
C ILE A 9 -24.07 1.41 8.76
N ALA A 10 -23.60 2.64 8.65
CA ALA A 10 -24.07 3.53 7.60
C ALA A 10 -23.10 3.50 6.42
N LEU A 11 -23.64 3.49 5.22
CA LEU A 11 -22.84 3.54 4.00
C LEU A 11 -23.04 4.98 3.57
N ALA A 12 -22.04 5.81 3.84
CA ALA A 12 -22.17 7.23 3.55
C ALA A 12 -20.99 7.91 2.88
N ASN A 13 -21.33 8.86 2.02
CA ASN A 13 -20.37 9.67 1.30
C ASN A 13 -21.18 10.64 0.44
N GLN A 14 -21.00 11.94 0.65
CA GLN A 14 -21.76 12.89 -0.14
C GLN A 14 -21.35 12.93 -1.61
N LYS A 15 -20.23 12.28 -1.97
CA LYS A 15 -19.83 12.25 -3.37
C LYS A 15 -20.79 11.28 -4.06
N GLY A 16 -21.36 11.69 -5.18
CA GLY A 16 -22.30 10.81 -5.85
C GLY A 16 -21.64 9.67 -6.61
N GLY A 17 -22.33 8.53 -6.65
CA GLY A 17 -21.88 7.36 -7.39
C GLY A 17 -20.55 6.74 -7.03
N VAL A 18 -20.32 6.51 -5.74
CA VAL A 18 -19.06 5.92 -5.30
C VAL A 18 -19.24 4.49 -4.79
N GLY A 19 -20.43 3.92 -4.96
CA GLY A 19 -20.67 2.57 -4.52
C GLY A 19 -21.37 2.36 -3.18
N LYS A 20 -22.02 3.39 -2.66
CA LYS A 20 -22.73 3.25 -1.39
C LYS A 20 -23.78 2.15 -1.48
N THR A 21 -24.69 2.29 -2.45
CA THR A 21 -25.77 1.33 -2.64
C THR A 21 -25.29 -0.07 -3.00
N THR A 22 -24.36 -0.15 -3.95
CA THR A 22 -23.81 -1.44 -4.37
C THR A 22 -23.21 -2.14 -3.16
N THR A 23 -22.52 -1.38 -2.32
CA THR A 23 -21.89 -1.92 -1.13
C THR A 23 -22.92 -2.32 -0.07
N ALA A 24 -23.93 -1.48 0.13
CA ALA A 24 -24.96 -1.80 1.13
C ALA A 24 -25.65 -3.12 0.77
N ILE A 25 -26.07 -3.25 -0.48
CA ILE A 25 -26.75 -4.46 -0.93
C ILE A 25 -25.87 -5.70 -0.87
N ASN A 26 -24.68 -5.65 -1.48
CA ASN A 26 -23.82 -6.81 -1.48
C ASN A 26 -23.23 -7.18 -0.13
N LEU A 27 -23.02 -6.18 0.72
CA LEU A 27 -22.50 -6.46 2.05
C LEU A 27 -23.60 -7.22 2.81
N ALA A 28 -24.85 -6.77 2.65
CA ALA A 28 -25.98 -7.43 3.31
C ALA A 28 -26.09 -8.86 2.84
N ALA A 29 -25.91 -9.06 1.54
CA ALA A 29 -26.00 -10.37 0.93
C ALA A 29 -25.00 -11.37 1.52
N TYR A 30 -23.76 -10.93 1.71
CA TYR A 30 -22.74 -11.81 2.25
C TYR A 30 -22.75 -11.93 3.76
N LEU A 31 -23.27 -10.91 4.43
CA LEU A 31 -23.37 -10.97 5.89
C LEU A 31 -24.46 -11.99 6.20
N ALA A 32 -25.53 -11.99 5.40
CA ALA A 32 -26.62 -12.93 5.60
C ALA A 32 -26.09 -14.35 5.40
N ARG A 33 -25.22 -14.52 4.41
CA ARG A 33 -24.65 -15.83 4.12
C ARG A 33 -23.68 -16.29 5.19
N LEU A 34 -23.31 -15.37 6.08
CA LEU A 34 -22.41 -15.72 7.18
C LEU A 34 -23.27 -16.12 8.39
N GLY A 35 -24.58 -16.19 8.19
CA GLY A 35 -25.48 -16.56 9.26
C GLY A 35 -25.99 -15.42 10.12
N LYS A 36 -25.86 -14.19 9.63
CA LYS A 36 -26.32 -13.03 10.37
C LYS A 36 -27.72 -12.59 9.92
N ARG A 37 -28.49 -12.07 10.87
CA ARG A 37 -29.83 -11.58 10.57
C ARG A 37 -29.60 -10.12 10.22
N VAL A 38 -29.80 -9.77 8.95
CA VAL A 38 -29.53 -8.42 8.50
C VAL A 38 -30.73 -7.61 8.01
N LEU A 39 -30.73 -6.33 8.35
CA LEU A 39 -31.76 -5.41 7.91
C LEU A 39 -31.06 -4.34 7.09
N LEU A 40 -31.58 -4.08 5.90
CA LEU A 40 -31.02 -3.04 5.04
C LEU A 40 -32.09 -1.97 4.93
N VAL A 41 -31.73 -0.73 5.29
CA VAL A 41 -32.67 0.37 5.23
C VAL A 41 -32.25 1.34 4.13
N ASP A 42 -33.15 1.61 3.19
CA ASP A 42 -32.88 2.50 2.06
C ASP A 42 -33.36 3.91 2.41
N LEU A 43 -32.41 4.81 2.72
CA LEU A 43 -32.74 6.19 3.09
C LEU A 43 -32.61 7.19 1.94
N ALA A 44 -32.24 6.72 0.77
CA ALA A 44 -32.08 7.61 -0.38
C ALA A 44 -33.39 7.87 -1.11
N PRO A 45 -33.72 9.15 -1.35
CA PRO A 45 -34.97 9.48 -2.05
C PRO A 45 -34.99 8.76 -3.41
N GLN A 46 -33.80 8.58 -3.99
CA GLN A 46 -33.66 7.91 -5.27
C GLN A 46 -34.19 6.47 -5.16
N GLY A 47 -34.01 5.87 -3.99
CA GLY A 47 -34.47 4.51 -3.75
C GLY A 47 -33.82 3.43 -4.58
N ASN A 48 -32.53 3.58 -4.85
CA ASN A 48 -31.82 2.60 -5.66
C ASN A 48 -31.65 1.23 -4.99
N ALA A 49 -31.38 1.18 -3.68
CA ALA A 49 -31.23 -0.10 -3.01
C ALA A 49 -32.54 -0.88 -3.17
N THR A 50 -33.65 -0.17 -3.05
CA THR A 50 -34.96 -0.79 -3.18
C THR A 50 -35.18 -1.34 -4.58
N SER A 51 -34.95 -0.50 -5.60
CA SER A 51 -35.12 -0.94 -6.97
C SER A 51 -34.16 -2.06 -7.33
N GLY A 52 -32.92 -1.96 -6.84
CA GLY A 52 -31.91 -2.96 -7.11
C GLY A 52 -32.19 -4.32 -6.51
N LEU A 53 -33.17 -4.39 -5.61
CA LEU A 53 -33.54 -5.66 -5.00
C LEU A 53 -34.91 -6.10 -5.51
N GLY A 54 -35.34 -5.47 -6.60
CA GLY A 54 -36.61 -5.81 -7.23
C GLY A 54 -37.86 -5.48 -6.43
N VAL A 55 -37.77 -4.48 -5.55
CA VAL A 55 -38.92 -4.11 -4.74
C VAL A 55 -39.55 -2.78 -5.12
N ARG A 56 -40.88 -2.77 -5.12
CA ARG A 56 -41.67 -1.58 -5.42
C ARG A 56 -42.73 -1.55 -4.33
N ALA A 57 -42.51 -0.74 -3.31
CA ALA A 57 -43.44 -0.65 -2.20
C ALA A 57 -44.10 0.71 -2.04
N GLU A 58 -45.25 0.71 -1.36
CA GLU A 58 -45.98 1.95 -1.11
C GLU A 58 -45.73 2.38 0.33
N ARG A 59 -45.22 1.45 1.13
CA ARG A 59 -44.92 1.74 2.53
C ARG A 59 -43.47 1.36 2.83
N GLY A 60 -42.77 2.20 3.58
CA GLY A 60 -41.39 1.91 3.90
C GLY A 60 -40.84 2.66 5.10
N VAL A 61 -39.57 3.03 5.03
CA VAL A 61 -38.94 3.72 6.13
C VAL A 61 -39.69 5.00 6.55
N TYR A 62 -40.33 5.67 5.60
CA TYR A 62 -41.06 6.89 5.93
C TYR A 62 -42.18 6.55 6.93
N HIS A 63 -42.86 5.44 6.68
CA HIS A 63 -43.95 5.01 7.53
C HIS A 63 -43.41 4.52 8.87
N LEU A 64 -42.17 4.03 8.87
CA LEU A 64 -41.54 3.59 10.12
C LEU A 64 -41.37 4.83 10.99
N LEU A 65 -40.91 5.92 10.36
CA LEU A 65 -40.71 7.17 11.07
C LEU A 65 -42.03 7.73 11.59
N GLN A 66 -43.13 7.34 10.96
CA GLN A 66 -44.44 7.81 11.40
C GLN A 66 -44.94 6.98 12.57
N GLY A 67 -44.25 5.88 12.86
CA GLY A 67 -44.65 5.05 13.99
C GLY A 67 -45.20 3.67 13.65
N GLU A 68 -45.27 3.33 12.36
CA GLU A 68 -45.78 2.02 11.98
C GLU A 68 -44.75 0.94 12.31
N PRO A 69 -45.21 -0.24 12.78
CA PRO A 69 -44.33 -1.35 13.14
C PRO A 69 -43.34 -1.76 12.05
N LEU A 70 -42.10 -1.94 12.45
CA LEU A 70 -41.04 -2.34 11.52
C LEU A 70 -41.32 -3.68 10.84
N GLU A 71 -41.77 -4.66 11.62
CA GLU A 71 -42.02 -5.99 11.07
C GLU A 71 -43.06 -6.05 9.96
N GLY A 72 -43.93 -5.05 9.89
CA GLY A 72 -44.93 -5.05 8.84
C GLY A 72 -44.52 -4.24 7.62
N LEU A 73 -43.30 -3.73 7.61
CA LEU A 73 -42.81 -2.92 6.49
C LEU A 73 -41.67 -3.55 5.71
N VAL A 74 -40.98 -4.51 6.32
CA VAL A 74 -39.84 -5.16 5.69
C VAL A 74 -40.20 -6.19 4.63
N HIS A 75 -39.32 -6.32 3.64
CA HIS A 75 -39.50 -7.28 2.56
C HIS A 75 -38.34 -8.27 2.61
N PRO A 76 -38.63 -9.57 2.49
CA PRO A 76 -37.56 -10.55 2.53
C PRO A 76 -36.88 -10.62 1.16
N VAL A 77 -35.56 -10.43 1.14
CA VAL A 77 -34.80 -10.48 -0.11
C VAL A 77 -33.42 -11.08 0.10
N ASP A 78 -33.07 -12.05 -0.73
CA ASP A 78 -31.79 -12.75 -0.70
C ASP A 78 -31.29 -13.12 0.70
N GLY A 79 -32.18 -13.60 1.55
CA GLY A 79 -31.75 -14.00 2.88
C GLY A 79 -31.79 -12.93 3.96
N PHE A 80 -32.02 -11.67 3.57
CA PHE A 80 -32.10 -10.60 4.57
C PHE A 80 -33.40 -9.81 4.42
N HIS A 81 -33.54 -8.75 5.21
CA HIS A 81 -34.73 -7.91 5.16
C HIS A 81 -34.43 -6.52 4.63
N LEU A 82 -35.39 -5.97 3.89
CA LEU A 82 -35.25 -4.63 3.34
C LEU A 82 -36.39 -3.73 3.84
N LEU A 83 -36.04 -2.56 4.36
CA LEU A 83 -37.03 -1.57 4.78
C LEU A 83 -36.88 -0.61 3.60
N PRO A 84 -37.80 -0.70 2.63
CA PRO A 84 -37.82 0.11 1.41
C PRO A 84 -38.03 1.61 1.45
N ALA A 85 -37.49 2.27 0.42
CA ALA A 85 -37.65 3.70 0.26
C ALA A 85 -38.98 3.84 -0.49
N THR A 86 -39.61 4.99 -0.38
CA THR A 86 -40.88 5.25 -1.05
C THR A 86 -40.84 6.70 -1.51
N PRO A 87 -41.74 7.08 -2.44
CA PRO A 87 -41.74 8.47 -2.92
C PRO A 87 -41.93 9.52 -1.82
N ASP A 88 -42.34 9.07 -0.63
CA ASP A 88 -42.54 9.98 0.49
C ASP A 88 -41.24 10.55 1.02
N LEU A 89 -40.13 9.90 0.72
CA LEU A 89 -38.82 10.35 1.19
C LEU A 89 -38.42 11.71 0.61
N VAL A 90 -39.04 12.09 -0.49
CA VAL A 90 -38.73 13.39 -1.10
C VAL A 90 -39.16 14.48 -0.12
N GLY A 91 -40.32 14.29 0.50
CA GLY A 91 -40.82 15.24 1.46
C GLY A 91 -40.22 15.04 2.85
N ALA A 92 -39.61 13.88 3.06
CA ALA A 92 -39.00 13.57 4.35
C ALA A 92 -37.76 14.42 4.54
N THR A 93 -37.05 14.70 3.45
CA THR A 93 -35.85 15.51 3.48
C THR A 93 -36.15 16.84 4.19
N VAL A 94 -37.34 17.37 3.95
CA VAL A 94 -37.76 18.62 4.56
C VAL A 94 -38.35 18.39 5.95
N GLU A 95 -39.06 17.27 6.10
CA GLU A 95 -39.70 16.93 7.37
C GLU A 95 -38.71 16.64 8.49
N LEU A 96 -37.62 15.94 8.15
CA LEU A 96 -36.62 15.57 9.14
C LEU A 96 -35.65 16.69 9.53
N ALA A 97 -35.74 17.82 8.83
CA ALA A 97 -34.87 18.96 9.15
C ALA A 97 -35.15 19.36 10.59
N GLY A 98 -34.15 19.29 11.44
CA GLY A 98 -34.34 19.66 12.83
C GLY A 98 -34.59 18.47 13.73
N ALA A 99 -34.78 17.30 13.11
CA ALA A 99 -35.03 16.06 13.85
C ALA A 99 -34.03 14.99 13.41
N PRO A 100 -32.73 15.21 13.66
CA PRO A 100 -31.68 14.27 13.27
C PRO A 100 -31.72 12.90 13.97
N THR A 101 -32.45 12.79 15.07
CA THR A 101 -32.52 11.53 15.80
C THR A 101 -33.83 10.77 15.57
N ALA A 102 -34.61 11.19 14.57
CA ALA A 102 -35.88 10.54 14.28
C ALA A 102 -35.73 9.04 13.98
N LEU A 103 -34.76 8.70 13.11
CA LEU A 103 -34.53 7.31 12.75
C LEU A 103 -34.04 6.48 13.93
N ARG A 104 -33.07 7.02 14.66
CA ARG A 104 -32.52 6.33 15.83
C ARG A 104 -33.63 5.92 16.79
N GLU A 105 -34.53 6.86 17.06
CA GLU A 105 -35.64 6.63 17.99
C GLU A 105 -36.71 5.68 17.45
N ALA A 106 -36.81 5.57 16.14
CA ALA A 106 -37.81 4.71 15.52
C ALA A 106 -37.28 3.34 15.10
N LEU A 107 -35.96 3.15 15.15
CA LEU A 107 -35.36 1.89 14.75
C LEU A 107 -35.37 0.79 15.81
N ARG A 108 -36.52 0.15 16.00
CA ARG A 108 -36.62 -0.94 16.96
C ARG A 108 -36.14 -2.19 16.21
N ASP A 109 -34.83 -2.25 16.00
CA ASP A 109 -34.19 -3.34 15.28
C ASP A 109 -33.43 -4.34 16.15
N GLU A 110 -33.79 -4.45 17.42
CA GLU A 110 -33.10 -5.38 18.30
C GLU A 110 -33.13 -6.83 17.80
N GLY A 111 -34.04 -7.13 16.89
CA GLY A 111 -34.14 -8.49 16.38
C GLY A 111 -33.16 -8.80 15.26
N TYR A 112 -32.29 -7.84 14.94
CA TYR A 112 -31.30 -8.02 13.88
C TYR A 112 -29.87 -8.00 14.43
N ASP A 113 -28.99 -8.76 13.78
CA ASP A 113 -27.59 -8.81 14.19
C ASP A 113 -26.89 -7.57 13.67
N LEU A 114 -27.19 -7.22 12.42
CA LEU A 114 -26.60 -6.06 11.77
C LEU A 114 -27.65 -5.28 10.99
N VAL A 115 -27.49 -3.96 10.95
CA VAL A 115 -28.40 -3.09 10.24
C VAL A 115 -27.57 -2.17 9.35
N LEU A 116 -27.82 -2.19 8.05
CA LEU A 116 -27.09 -1.36 7.11
C LEU A 116 -27.99 -0.22 6.65
N LEU A 117 -27.45 0.99 6.68
CA LEU A 117 -28.21 2.17 6.27
C LEU A 117 -27.59 2.78 5.02
N ASP A 118 -28.33 2.75 3.92
CA ASP A 118 -27.84 3.30 2.66
C ASP A 118 -28.28 4.76 2.57
N ALA A 119 -27.31 5.67 2.60
CA ALA A 119 -27.59 7.10 2.56
C ALA A 119 -27.41 7.71 1.18
N PRO A 120 -28.13 8.81 0.90
CA PRO A 120 -28.04 9.49 -0.39
C PRO A 120 -26.75 10.33 -0.44
N PRO A 121 -26.37 10.80 -1.64
CA PRO A 121 -25.15 11.61 -1.80
C PRO A 121 -25.34 13.06 -1.37
N SER A 122 -25.44 13.28 -0.07
CA SER A 122 -25.63 14.61 0.47
C SER A 122 -25.49 14.57 1.98
N LEU A 123 -25.63 15.72 2.60
CA LEU A 123 -25.58 15.82 4.05
C LEU A 123 -26.94 16.36 4.45
N SER A 124 -27.97 15.79 3.84
CA SER A 124 -29.36 16.17 4.10
C SER A 124 -29.82 15.52 5.40
N PRO A 125 -31.04 15.87 5.86
CA PRO A 125 -31.55 15.29 7.09
C PRO A 125 -31.58 13.76 7.06
N LEU A 126 -31.76 13.18 5.88
CA LEU A 126 -31.78 11.73 5.75
C LEU A 126 -30.41 11.14 6.04
N THR A 127 -29.36 11.77 5.51
CA THR A 127 -28.02 11.29 5.77
C THR A 127 -27.66 11.55 7.23
N LEU A 128 -28.09 12.70 7.74
CA LEU A 128 -27.83 13.06 9.12
C LEU A 128 -28.48 12.04 10.06
N ASN A 129 -29.71 11.64 9.74
CA ASN A 129 -30.41 10.65 10.55
C ASN A 129 -29.67 9.32 10.52
N ALA A 130 -29.05 9.01 9.40
CA ALA A 130 -28.31 7.76 9.28
C ALA A 130 -27.08 7.80 10.19
N LEU A 131 -26.37 8.92 10.16
CA LEU A 131 -25.17 9.08 10.98
C LEU A 131 -25.48 9.15 12.47
N ALA A 132 -26.63 9.74 12.81
CA ALA A 132 -27.02 9.87 14.21
C ALA A 132 -27.53 8.56 14.79
N ALA A 133 -27.87 7.61 13.93
CA ALA A 133 -28.39 6.31 14.39
C ALA A 133 -27.37 5.19 14.34
N ALA A 134 -26.35 5.34 13.51
CA ALA A 134 -25.34 4.30 13.34
C ALA A 134 -24.24 4.33 14.41
N GLU A 135 -23.53 3.21 14.53
CA GLU A 135 -22.43 3.11 15.47
C GLU A 135 -21.15 3.08 14.66
N GLY A 136 -21.26 2.60 13.43
CA GLY A 136 -20.10 2.55 12.56
C GLY A 136 -20.40 3.08 11.18
N VAL A 137 -19.36 3.54 10.49
CA VAL A 137 -19.52 4.07 9.14
C VAL A 137 -18.54 3.45 8.15
N VAL A 138 -19.07 3.00 7.02
CA VAL A 138 -18.24 2.45 5.96
C VAL A 138 -18.28 3.53 4.90
N VAL A 139 -17.12 4.08 4.60
CA VAL A 139 -17.01 5.14 3.62
C VAL A 139 -16.47 4.61 2.31
N PRO A 140 -17.34 4.46 1.30
CA PRO A 140 -16.87 3.96 0.01
C PRO A 140 -16.16 5.09 -0.71
N VAL A 141 -14.99 4.82 -1.27
CA VAL A 141 -14.25 5.84 -1.99
C VAL A 141 -13.83 5.30 -3.35
N GLN A 142 -14.46 5.82 -4.39
CA GLN A 142 -14.17 5.43 -5.76
C GLN A 142 -12.70 5.73 -6.04
N ALA A 143 -12.00 4.83 -6.72
CA ALA A 143 -10.58 5.01 -7.00
C ALA A 143 -10.29 6.05 -8.08
N GLU A 144 -10.76 7.28 -7.86
CA GLU A 144 -10.57 8.37 -8.80
C GLU A 144 -10.33 9.64 -8.00
N TYR A 145 -10.03 10.74 -8.69
CA TYR A 145 -9.72 11.99 -8.01
C TYR A 145 -10.80 12.65 -7.14
N TYR A 146 -11.98 12.91 -7.69
CA TYR A 146 -13.00 13.59 -6.88
C TYR A 146 -13.32 12.89 -5.57
N ALA A 147 -13.45 11.57 -5.58
CA ALA A 147 -13.76 10.86 -4.36
C ALA A 147 -12.61 11.01 -3.37
N LEU A 148 -11.38 10.92 -3.86
CA LEU A 148 -10.21 11.05 -3.00
C LEU A 148 -10.18 12.42 -2.32
N GLU A 149 -10.41 13.46 -3.13
CA GLU A 149 -10.39 14.83 -2.65
C GLU A 149 -11.39 15.12 -1.52
N GLY A 150 -12.49 14.39 -1.47
CA GLY A 150 -13.48 14.64 -0.44
C GLY A 150 -13.31 13.90 0.87
N VAL A 151 -12.41 12.92 0.91
CA VAL A 151 -12.23 12.12 2.11
C VAL A 151 -11.88 12.92 3.38
N ALA A 152 -10.93 13.83 3.27
CA ALA A 152 -10.52 14.63 4.43
C ALA A 152 -11.72 15.34 5.04
N GLY A 153 -12.48 16.04 4.19
CA GLY A 153 -13.65 16.76 4.66
C GLY A 153 -14.73 15.85 5.23
N LEU A 154 -14.85 14.66 4.65
CA LEU A 154 -15.85 13.70 5.10
C LEU A 154 -15.50 13.20 6.50
N LEU A 155 -14.23 12.84 6.72
CA LEU A 155 -13.81 12.36 8.03
C LEU A 155 -14.00 13.46 9.09
N ALA A 156 -13.78 14.71 8.69
CA ALA A 156 -13.94 15.83 9.62
C ALA A 156 -15.39 15.93 10.04
N THR A 157 -16.30 15.75 9.07
CA THR A 157 -17.73 15.82 9.35
C THR A 157 -18.15 14.69 10.29
N LEU A 158 -17.58 13.50 10.09
CA LEU A 158 -17.92 12.37 10.94
C LEU A 158 -17.52 12.70 12.38
N GLU A 159 -16.39 13.38 12.53
CA GLU A 159 -15.89 13.76 13.84
C GLU A 159 -16.83 14.77 14.51
N GLU A 160 -17.38 15.68 13.71
CA GLU A 160 -18.31 16.67 14.23
C GLU A 160 -19.53 15.98 14.81
N VAL A 161 -20.03 14.99 14.08
CA VAL A 161 -21.20 14.23 14.53
C VAL A 161 -20.89 13.51 15.84
N ARG A 162 -19.70 12.95 15.95
CA ARG A 162 -19.31 12.23 17.16
C ARG A 162 -19.13 13.19 18.33
N ALA A 163 -18.74 14.43 18.02
CA ALA A 163 -18.51 15.45 19.03
C ALA A 163 -19.78 15.89 19.75
N GLY A 164 -20.94 15.58 19.18
CA GLY A 164 -22.18 15.97 19.81
C GLY A 164 -23.40 15.12 19.48
N LEU A 165 -23.86 15.24 18.23
CA LEU A 165 -25.04 14.51 17.76
C LEU A 165 -25.03 13.03 18.10
N ASN A 166 -23.90 12.36 17.85
CA ASN A 166 -23.82 10.93 18.14
C ASN A 166 -22.42 10.50 18.56
N PRO A 167 -22.14 10.56 19.87
CA PRO A 167 -20.85 10.18 20.46
C PRO A 167 -20.38 8.76 20.21
N ARG A 168 -21.31 7.86 19.86
CA ARG A 168 -20.94 6.47 19.62
C ARG A 168 -20.60 6.17 18.16
N LEU A 169 -20.70 7.19 17.30
CA LEU A 169 -20.38 7.01 15.88
C LEU A 169 -18.88 6.88 15.68
N ARG A 170 -18.48 5.84 14.95
CA ARG A 170 -17.07 5.63 14.67
C ARG A 170 -16.87 5.16 13.24
N LEU A 171 -15.72 5.51 12.67
CA LEU A 171 -15.41 5.09 11.31
C LEU A 171 -15.06 3.62 11.36
N LEU A 172 -15.84 2.78 10.68
CA LEU A 172 -15.56 1.36 10.68
C LEU A 172 -14.42 1.13 9.68
N GLY A 173 -14.44 1.89 8.59
CA GLY A 173 -13.40 1.76 7.59
C GLY A 173 -13.67 2.47 6.28
N ILE A 174 -12.60 2.72 5.53
CA ILE A 174 -12.66 3.36 4.23
C ILE A 174 -12.54 2.23 3.21
N LEU A 175 -13.50 2.15 2.30
CA LEU A 175 -13.51 1.10 1.29
C LEU A 175 -13.19 1.62 -0.10
N VAL A 176 -12.10 1.14 -0.70
CA VAL A 176 -11.74 1.55 -2.05
C VAL A 176 -12.70 0.82 -2.99
N THR A 177 -13.42 1.57 -3.83
CA THR A 177 -14.38 0.97 -4.76
C THR A 177 -14.08 1.27 -6.22
N MET A 178 -14.73 0.52 -7.12
CA MET A 178 -14.58 0.71 -8.55
C MET A 178 -13.13 0.91 -8.96
N TYR A 179 -12.30 -0.02 -8.49
CA TYR A 179 -10.87 0.02 -8.74
C TYR A 179 -10.45 -0.81 -9.96
N ASP A 180 -9.81 -0.15 -10.93
CA ASP A 180 -9.30 -0.84 -12.12
C ASP A 180 -7.79 -0.73 -12.02
N GLY A 181 -7.15 -1.78 -11.53
CA GLY A 181 -5.72 -1.79 -11.37
C GLY A 181 -4.90 -1.56 -12.62
N ARG A 182 -5.54 -1.59 -13.79
CA ARG A 182 -4.83 -1.38 -15.03
C ARG A 182 -4.56 0.11 -15.26
N THR A 183 -5.25 0.97 -14.51
CA THR A 183 -5.06 2.41 -14.66
C THR A 183 -4.15 2.94 -13.57
N LEU A 184 -3.26 3.85 -13.94
CA LEU A 184 -2.34 4.46 -12.99
C LEU A 184 -3.12 5.28 -11.97
N LEU A 185 -4.23 5.89 -12.42
CA LEU A 185 -5.04 6.69 -11.51
C LEU A 185 -5.53 5.89 -10.31
N ALA A 186 -6.15 4.73 -10.57
CA ALA A 186 -6.66 3.89 -9.49
C ALA A 186 -5.55 3.49 -8.53
N GLN A 187 -4.39 3.14 -9.08
CA GLN A 187 -3.24 2.76 -8.27
C GLN A 187 -2.80 3.89 -7.35
N GLN A 188 -2.71 5.10 -7.89
CA GLN A 188 -2.28 6.27 -7.12
C GLN A 188 -3.28 6.62 -6.04
N VAL A 189 -4.57 6.49 -6.33
CA VAL A 189 -5.59 6.81 -5.36
C VAL A 189 -5.55 5.85 -4.17
N GLU A 190 -5.49 4.54 -4.43
CA GLU A 190 -5.43 3.60 -3.31
C GLU A 190 -4.15 3.82 -2.51
N ALA A 191 -3.05 4.06 -3.21
CA ALA A 191 -1.77 4.29 -2.54
C ALA A 191 -1.85 5.47 -1.59
N GLN A 192 -2.42 6.58 -2.07
CA GLN A 192 -2.55 7.76 -1.24
C GLN A 192 -3.48 7.52 -0.05
N LEU A 193 -4.59 6.80 -0.28
CA LEU A 193 -5.52 6.52 0.80
C LEU A 193 -4.85 5.72 1.92
N ARG A 194 -4.06 4.72 1.55
CA ARG A 194 -3.40 3.92 2.57
C ARG A 194 -2.24 4.66 3.22
N ALA A 195 -1.62 5.57 2.48
CA ALA A 195 -0.51 6.34 3.01
C ALA A 195 -1.02 7.34 4.04
N HIS A 196 -2.14 7.98 3.72
CA HIS A 196 -2.73 8.98 4.62
C HIS A 196 -3.59 8.41 5.75
N PHE A 197 -4.27 7.30 5.50
CA PHE A 197 -5.15 6.73 6.50
C PHE A 197 -4.83 5.33 7.00
N GLY A 198 -3.85 4.70 6.37
CA GLY A 198 -3.42 3.36 6.76
C GLY A 198 -4.49 2.35 7.17
N GLU A 199 -4.37 1.85 8.39
CA GLU A 199 -5.26 0.87 8.97
C GLU A 199 -6.75 1.15 8.79
N LYS A 200 -7.11 2.42 8.61
CA LYS A 200 -8.51 2.78 8.44
C LYS A 200 -9.07 2.25 7.12
N VAL A 201 -8.18 2.03 6.15
CA VAL A 201 -8.58 1.52 4.85
C VAL A 201 -8.70 0.00 4.85
N PHE A 202 -9.88 -0.50 4.50
CA PHE A 202 -10.10 -1.94 4.44
C PHE A 202 -9.08 -2.58 3.51
N TRP A 203 -8.69 -3.82 3.81
CA TRP A 203 -7.75 -4.53 2.97
C TRP A 203 -8.47 -4.83 1.65
N THR A 204 -9.73 -5.25 1.77
CA THR A 204 -10.52 -5.59 0.60
C THR A 204 -10.82 -4.40 -0.29
N VAL A 205 -10.45 -4.53 -1.57
CA VAL A 205 -10.70 -3.50 -2.57
C VAL A 205 -11.75 -4.06 -3.52
N ILE A 206 -12.75 -3.27 -3.87
CA ILE A 206 -13.78 -3.74 -4.79
C ILE A 206 -13.34 -3.37 -6.20
N PRO A 207 -13.10 -4.37 -7.06
CA PRO A 207 -12.67 -4.04 -8.41
C PRO A 207 -13.82 -3.58 -9.29
N ARG A 208 -13.52 -2.77 -10.30
CA ARG A 208 -14.57 -2.35 -11.22
C ARG A 208 -14.87 -3.59 -12.05
N ASN A 209 -16.14 -3.98 -12.10
CA ASN A 209 -16.56 -5.14 -12.87
C ASN A 209 -18.01 -4.90 -13.22
N VAL A 210 -18.31 -4.88 -14.52
CA VAL A 210 -19.66 -4.60 -14.96
C VAL A 210 -20.78 -5.49 -14.42
N ARG A 211 -20.47 -6.72 -14.02
CA ARG A 211 -21.54 -7.58 -13.50
C ARG A 211 -22.14 -7.00 -12.22
N LEU A 212 -21.36 -6.19 -11.50
CA LEU A 212 -21.85 -5.55 -10.28
C LEU A 212 -22.92 -4.53 -10.65
N ALA A 213 -22.76 -3.92 -11.82
CA ALA A 213 -23.72 -2.93 -12.30
C ALA A 213 -24.92 -3.62 -12.95
N GLU A 214 -24.70 -4.81 -13.48
CA GLU A 214 -25.76 -5.60 -14.12
C GLU A 214 -26.77 -6.14 -13.11
N ALA A 215 -26.26 -6.70 -12.01
CA ALA A 215 -27.07 -7.33 -10.98
C ALA A 215 -28.37 -6.62 -10.62
N PRO A 216 -28.32 -5.32 -10.29
CA PRO A 216 -29.53 -4.56 -9.93
C PRO A 216 -30.63 -4.57 -10.99
N SER A 217 -30.26 -4.62 -12.26
CA SER A 217 -31.25 -4.61 -13.33
C SER A 217 -32.11 -5.87 -13.30
N PHE A 218 -31.64 -6.89 -12.58
CA PHE A 218 -32.36 -8.16 -12.45
C PHE A 218 -32.94 -8.25 -11.05
N GLY A 219 -32.82 -7.18 -10.28
CA GLY A 219 -33.33 -7.17 -8.91
C GLY A 219 -32.59 -8.19 -8.07
N LYS A 220 -31.35 -8.47 -8.43
CA LYS A 220 -30.55 -9.46 -7.73
C LYS A 220 -29.24 -8.91 -7.15
N THR A 221 -28.78 -9.54 -6.07
CA THR A 221 -27.53 -9.13 -5.44
C THR A 221 -26.45 -9.79 -6.28
N ILE A 222 -25.19 -9.39 -6.09
CA ILE A 222 -24.12 -10.01 -6.88
C ILE A 222 -23.99 -11.49 -6.52
N ALA A 223 -24.36 -11.84 -5.30
CA ALA A 223 -24.26 -13.24 -4.86
C ALA A 223 -25.25 -14.11 -5.63
N GLN A 224 -26.31 -13.49 -6.14
CA GLN A 224 -27.32 -14.22 -6.91
C GLN A 224 -27.00 -14.15 -8.40
N HIS A 225 -26.64 -12.96 -8.86
CA HIS A 225 -26.35 -12.72 -10.26
C HIS A 225 -25.05 -13.30 -10.83
N ALA A 226 -23.94 -13.09 -10.13
CA ALA A 226 -22.65 -13.60 -10.59
C ALA A 226 -21.76 -13.91 -9.38
N PRO A 227 -22.09 -14.97 -8.64
CA PRO A 227 -21.38 -15.43 -7.43
C PRO A 227 -19.90 -15.75 -7.55
N THR A 228 -19.39 -15.93 -8.77
CA THR A 228 -17.96 -16.23 -8.90
C THR A 228 -17.20 -15.12 -9.63
N SER A 229 -17.85 -13.98 -9.83
CA SER A 229 -17.23 -12.84 -10.49
C SER A 229 -16.31 -12.10 -9.52
N PRO A 230 -15.41 -11.26 -10.05
CA PRO A 230 -14.47 -10.51 -9.19
C PRO A 230 -15.17 -9.71 -8.09
N GLY A 231 -16.27 -9.06 -8.44
CA GLY A 231 -17.01 -8.27 -7.46
C GLY A 231 -17.61 -9.09 -6.34
N ALA A 232 -18.10 -10.28 -6.67
CA ALA A 232 -18.71 -11.17 -5.68
C ALA A 232 -17.66 -11.66 -4.69
N HIS A 233 -16.49 -12.07 -5.19
CA HIS A 233 -15.43 -12.53 -4.32
C HIS A 233 -14.99 -11.39 -3.41
N ALA A 234 -14.92 -10.18 -3.97
CA ALA A 234 -14.49 -9.02 -3.21
C ALA A 234 -15.46 -8.71 -2.08
N TYR A 235 -16.76 -8.68 -2.37
CA TYR A 235 -17.74 -8.37 -1.34
C TYR A 235 -17.84 -9.49 -0.30
N ARG A 236 -17.52 -10.72 -0.70
CA ARG A 236 -17.55 -11.84 0.24
C ARG A 236 -16.41 -11.63 1.24
N ARG A 237 -15.24 -11.23 0.73
CA ARG A 237 -14.10 -10.98 1.59
C ARG A 237 -14.37 -9.78 2.48
N LEU A 238 -15.10 -8.79 1.95
CA LEU A 238 -15.42 -7.60 2.73
C LEU A 238 -16.32 -7.94 3.91
N ALA A 239 -17.31 -8.78 3.69
CA ALA A 239 -18.22 -9.16 4.76
C ALA A 239 -17.42 -9.76 5.92
N GLU A 240 -16.43 -10.59 5.57
CA GLU A 240 -15.59 -11.21 6.58
C GLU A 240 -14.75 -10.15 7.32
N GLU A 241 -14.25 -9.16 6.57
CA GLU A 241 -13.45 -8.10 7.18
C GLU A 241 -14.30 -7.22 8.09
N VAL A 242 -15.53 -6.92 7.67
CA VAL A 242 -16.42 -6.10 8.46
C VAL A 242 -16.72 -6.80 9.80
N MET A 243 -17.01 -8.10 9.74
CA MET A 243 -17.29 -8.84 10.97
C MET A 243 -16.07 -8.82 11.87
N ALA A 244 -14.89 -8.93 11.28
CA ALA A 244 -13.66 -8.92 12.07
C ALA A 244 -13.52 -7.58 12.79
N ARG A 245 -13.84 -6.49 12.10
CA ARG A 245 -13.73 -5.17 12.71
C ARG A 245 -14.83 -4.88 13.71
N VAL A 246 -16.02 -5.41 13.43
CA VAL A 246 -17.14 -5.22 14.34
C VAL A 246 -16.81 -5.90 15.66
N GLN A 247 -16.24 -7.10 15.59
CA GLN A 247 -15.87 -7.83 16.79
C GLN A 247 -14.78 -7.13 17.57
N GLU A 248 -13.84 -6.50 16.87
CA GLU A 248 -12.78 -5.75 17.56
C GLU A 248 -13.42 -4.52 18.20
N ALA A 249 -14.07 -3.72 17.49
N LYS B 5 -34.51 31.96 -26.66
CA LYS B 5 -33.25 31.23 -26.99
C LYS B 5 -32.58 30.75 -25.70
N VAL B 6 -31.84 29.65 -25.80
CA VAL B 6 -31.17 29.07 -24.63
C VAL B 6 -29.78 29.66 -24.38
N ARG B 7 -29.61 30.24 -23.20
CA ARG B 7 -28.32 30.83 -22.80
C ARG B 7 -27.75 30.04 -21.62
N ARG B 8 -28.62 29.80 -20.63
CA ARG B 8 -28.25 29.08 -19.42
C ARG B 8 -28.65 27.62 -19.53
N ILE B 9 -27.68 26.73 -19.29
CA ILE B 9 -27.89 25.30 -19.37
C ILE B 9 -27.48 24.63 -18.07
N ALA B 10 -28.41 23.91 -17.46
CA ALA B 10 -28.12 23.22 -16.21
C ALA B 10 -27.75 21.77 -16.49
N LEU B 11 -26.74 21.28 -15.77
CA LEU B 11 -26.32 19.89 -15.86
C LEU B 11 -26.95 19.31 -14.59
N ALA B 12 -28.02 18.55 -14.76
CA ALA B 12 -28.71 18.03 -13.60
C ALA B 12 -29.17 16.59 -13.67
N ASN B 13 -29.10 15.92 -12.52
CA ASN B 13 -29.53 14.54 -12.36
C ASN B 13 -29.30 14.18 -10.91
N GLN B 14 -30.36 13.85 -10.19
CA GLN B 14 -30.21 13.51 -8.77
C GLN B 14 -29.41 12.22 -8.54
N LYS B 15 -29.17 11.44 -9.59
CA LYS B 15 -28.37 10.21 -9.43
C LYS B 15 -26.92 10.67 -9.26
N GLY B 16 -26.24 10.13 -8.27
CA GLY B 16 -24.86 10.54 -8.05
C GLY B 16 -23.85 9.93 -9.01
N GLY B 17 -22.83 10.73 -9.35
CA GLY B 17 -21.75 10.26 -10.21
C GLY B 17 -22.10 9.78 -11.60
N VAL B 18 -22.87 10.59 -12.34
CA VAL B 18 -23.27 10.24 -13.69
C VAL B 18 -22.60 11.15 -14.73
N GLY B 19 -21.66 11.99 -14.29
CA GLY B 19 -20.98 12.87 -15.22
C GLY B 19 -21.45 14.31 -15.33
N LYS B 20 -22.18 14.79 -14.33
CA LYS B 20 -22.66 16.18 -14.37
C LYS B 20 -21.50 17.15 -14.42
N THR B 21 -20.59 17.02 -13.46
CA THR B 21 -19.44 17.91 -13.37
C THR B 21 -18.47 17.77 -14.54
N THR B 22 -18.14 16.53 -14.88
CA THR B 22 -17.23 16.27 -15.98
C THR B 22 -17.77 16.90 -17.26
N THR B 23 -19.08 16.80 -17.45
CA THR B 23 -19.71 17.37 -18.64
C THR B 23 -19.72 18.90 -18.59
N ALA B 24 -20.05 19.46 -17.43
CA ALA B 24 -20.09 20.92 -17.31
C ALA B 24 -18.72 21.52 -17.64
N ILE B 25 -17.67 20.96 -17.06
CA ILE B 25 -16.31 21.46 -17.30
C ILE B 25 -15.86 21.31 -18.75
N ASN B 26 -16.00 20.11 -19.30
CA ASN B 26 -15.54 19.89 -20.67
C ASN B 26 -16.43 20.51 -21.74
N LEU B 27 -17.71 20.71 -21.44
CA LEU B 27 -18.60 21.35 -22.40
C LEU B 27 -18.17 22.83 -22.45
N ALA B 28 -17.85 23.38 -21.28
CA ALA B 28 -17.42 24.78 -21.21
C ALA B 28 -16.11 24.94 -21.97
N ALA B 29 -15.20 23.99 -21.80
CA ALA B 29 -13.90 24.02 -22.46
C ALA B 29 -14.04 24.07 -23.98
N TYR B 30 -14.91 23.24 -24.54
CA TYR B 30 -15.07 23.23 -25.98
C TYR B 30 -15.98 24.34 -26.51
N LEU B 31 -16.88 24.84 -25.67
CA LEU B 31 -17.74 25.94 -26.10
C LEU B 31 -16.85 27.18 -26.18
N ALA B 32 -15.88 27.26 -25.29
CA ALA B 32 -14.97 28.40 -25.29
C ALA B 32 -14.11 28.34 -26.54
N ARG B 33 -13.75 27.13 -26.95
CA ARG B 33 -12.92 26.96 -28.14
C ARG B 33 -13.70 27.20 -29.43
N LEU B 34 -15.02 27.31 -29.31
CA LEU B 34 -15.86 27.61 -30.46
C LEU B 34 -16.03 29.12 -30.55
N GLY B 35 -15.35 29.83 -29.67
CA GLY B 35 -15.42 31.29 -29.67
C GLY B 35 -16.52 31.86 -28.81
N LYS B 36 -17.07 31.06 -27.90
CA LYS B 36 -18.14 31.54 -27.03
C LYS B 36 -17.60 32.02 -25.69
N ARG B 37 -18.26 33.04 -25.13
CA ARG B 37 -17.88 33.56 -23.82
C ARG B 37 -18.72 32.71 -22.87
N VAL B 38 -18.04 31.87 -22.08
CA VAL B 38 -18.74 30.96 -21.18
C VAL B 38 -18.51 31.17 -19.69
N LEU B 39 -19.59 31.02 -18.93
CA LEU B 39 -19.55 31.13 -17.47
C LEU B 39 -19.98 29.80 -16.90
N LEU B 40 -19.13 29.21 -16.06
CA LEU B 40 -19.47 27.95 -15.42
C LEU B 40 -19.74 28.26 -13.96
N VAL B 41 -20.92 27.88 -13.50
CA VAL B 41 -21.32 28.12 -12.10
C VAL B 41 -21.40 26.80 -11.35
N ASP B 42 -20.62 26.68 -10.27
CA ASP B 42 -20.60 25.48 -9.46
C ASP B 42 -21.60 25.65 -8.32
N LEU B 43 -22.71 24.91 -8.38
CA LEU B 43 -23.74 25.01 -7.35
C LEU B 43 -23.73 23.84 -6.37
N ALA B 44 -22.77 22.94 -6.53
CA ALA B 44 -22.68 21.77 -5.66
C ALA B 44 -21.90 22.06 -4.38
N PRO B 45 -22.45 21.67 -3.22
CA PRO B 45 -21.75 21.90 -1.97
C PRO B 45 -20.39 21.20 -2.00
N GLN B 46 -20.33 20.11 -2.75
CA GLN B 46 -19.09 19.34 -2.89
C GLN B 46 -18.01 20.16 -3.59
N GLY B 47 -18.44 21.08 -4.47
CA GLY B 47 -17.51 21.92 -5.20
C GLY B 47 -16.51 21.21 -6.10
N ASN B 48 -16.91 20.10 -6.71
CA ASN B 48 -16.00 19.37 -7.58
C ASN B 48 -15.60 20.16 -8.84
N ALA B 49 -16.55 20.84 -9.47
CA ALA B 49 -16.22 21.61 -10.65
C ALA B 49 -15.12 22.63 -10.32
N THR B 50 -15.23 23.24 -9.14
CA THR B 50 -14.25 24.23 -8.70
C THR B 50 -12.88 23.60 -8.45
N SER B 51 -12.87 22.49 -7.73
CA SER B 51 -11.62 21.80 -7.43
C SER B 51 -11.01 21.23 -8.71
N GLY B 52 -11.87 20.73 -9.59
CA GLY B 52 -11.41 20.16 -10.85
C GLY B 52 -10.76 21.16 -11.78
N LEU B 53 -10.96 22.44 -11.50
CA LEU B 53 -10.38 23.51 -12.31
C LEU B 53 -9.21 24.16 -11.57
N GLY B 54 -8.78 23.53 -10.50
CA GLY B 54 -7.64 24.01 -9.72
C GLY B 54 -7.91 25.26 -8.91
N VAL B 55 -9.18 25.51 -8.61
CA VAL B 55 -9.54 26.70 -7.84
C VAL B 55 -9.96 26.41 -6.41
N ARG B 56 -9.53 27.27 -5.51
CA ARG B 56 -9.87 27.20 -4.10
C ARG B 56 -10.22 28.65 -3.80
N ALA B 57 -11.51 28.91 -3.59
CA ALA B 57 -11.93 30.30 -3.34
C ALA B 57 -12.66 30.51 -2.02
N GLU B 58 -12.65 31.75 -1.55
CA GLU B 58 -13.32 32.10 -0.32
C GLU B 58 -14.62 32.81 -0.68
N ARG B 59 -14.70 33.30 -1.92
CA ARG B 59 -15.89 33.98 -2.40
C ARG B 59 -16.34 33.34 -3.70
N GLY B 60 -17.66 33.17 -3.87
CA GLY B 60 -18.17 32.55 -5.08
C GLY B 60 -19.64 32.81 -5.31
N VAL B 61 -20.33 31.83 -5.90
CA VAL B 61 -21.75 31.96 -6.21
C VAL B 61 -22.57 32.29 -4.96
N TYR B 62 -22.16 31.79 -3.80
CA TYR B 62 -22.89 32.07 -2.58
C TYR B 62 -22.94 33.58 -2.34
N HIS B 63 -21.82 34.25 -2.56
CA HIS B 63 -21.74 35.69 -2.35
C HIS B 63 -22.49 36.47 -3.40
N LEU B 64 -22.62 35.89 -4.59
CA LEU B 64 -23.37 36.55 -5.65
C LEU B 64 -24.81 36.64 -5.14
N LEU B 65 -25.27 35.59 -4.47
CA LEU B 65 -26.62 35.58 -3.95
C LEU B 65 -26.77 36.58 -2.81
N GLN B 66 -25.63 36.97 -2.22
CA GLN B 66 -25.64 37.94 -1.11
C GLN B 66 -25.40 39.37 -1.59
N GLY B 67 -25.52 39.59 -2.90
CA GLY B 67 -25.37 40.94 -3.44
C GLY B 67 -24.02 41.36 -4.01
N GLU B 68 -23.03 40.48 -3.99
CA GLU B 68 -21.72 40.82 -4.52
C GLU B 68 -21.73 40.77 -6.04
N PRO B 69 -21.08 41.74 -6.70
CA PRO B 69 -21.00 41.83 -8.17
C PRO B 69 -20.29 40.62 -8.78
N LEU B 70 -20.88 40.09 -9.84
CA LEU B 70 -20.34 38.92 -10.55
C LEU B 70 -18.89 39.10 -11.00
N GLU B 71 -18.60 40.24 -11.63
CA GLU B 71 -17.26 40.52 -12.14
C GLU B 71 -16.12 40.27 -11.17
N GLY B 72 -16.34 40.57 -9.89
CA GLY B 72 -15.28 40.37 -8.91
C GLY B 72 -15.24 38.99 -8.29
N LEU B 73 -16.10 38.09 -8.75
CA LEU B 73 -16.15 36.75 -8.17
C LEU B 73 -15.63 35.65 -9.09
N VAL B 74 -15.59 35.93 -10.39
CA VAL B 74 -15.15 34.94 -11.37
C VAL B 74 -13.65 34.70 -11.48
N HIS B 75 -13.31 33.48 -11.86
CA HIS B 75 -11.91 33.10 -12.04
C HIS B 75 -11.72 32.66 -13.48
N PRO B 76 -10.65 33.12 -14.13
CA PRO B 76 -10.40 32.74 -15.52
C PRO B 76 -9.76 31.36 -15.56
N VAL B 77 -10.33 30.47 -16.36
CA VAL B 77 -9.80 29.13 -16.48
C VAL B 77 -10.08 28.51 -17.85
N ASP B 78 -9.01 28.05 -18.47
CA ASP B 78 -9.06 27.42 -19.79
C ASP B 78 -9.92 28.13 -20.82
N GLY B 79 -9.86 29.45 -20.86
CA GLY B 79 -10.64 30.18 -21.84
C GLY B 79 -12.03 30.61 -21.44
N PHE B 80 -12.50 30.15 -20.28
CA PHE B 80 -13.82 30.56 -19.80
C PHE B 80 -13.72 31.07 -18.38
N HIS B 81 -14.86 31.40 -17.77
CA HIS B 81 -14.90 31.91 -16.41
C HIS B 81 -15.64 30.95 -15.49
N LEU B 82 -15.21 30.89 -14.24
CA LEU B 82 -15.83 30.03 -13.24
C LEU B 82 -16.31 30.86 -12.05
N LEU B 83 -17.56 30.63 -11.63
CA LEU B 83 -18.13 31.30 -10.46
C LEU B 83 -18.07 30.10 -9.51
N PRO B 84 -17.05 30.06 -8.63
CA PRO B 84 -16.84 28.96 -7.69
C PRO B 84 -17.77 28.66 -6.53
N ALA B 85 -17.67 27.42 -6.08
CA ALA B 85 -18.40 26.94 -4.94
C ALA B 85 -17.46 27.23 -3.77
N THR B 86 -18.03 27.45 -2.60
CA THR B 86 -17.27 27.73 -1.39
C THR B 86 -17.93 26.93 -0.29
N PRO B 87 -17.28 26.82 0.87
CA PRO B 87 -17.91 26.06 1.96
C PRO B 87 -19.28 26.59 2.42
N ASP B 88 -19.62 27.79 1.97
CA ASP B 88 -20.91 28.40 2.35
C ASP B 88 -22.12 27.68 1.77
N LEU B 89 -21.92 26.96 0.67
CA LEU B 89 -23.02 26.26 0.02
C LEU B 89 -23.65 25.19 0.90
N VAL B 90 -22.94 24.75 1.92
CA VAL B 90 -23.47 23.75 2.84
C VAL B 90 -24.69 24.38 3.51
N GLY B 91 -24.50 25.58 4.05
CA GLY B 91 -25.59 26.27 4.71
C GLY B 91 -26.62 26.80 3.73
N ALA B 92 -26.19 27.10 2.51
CA ALA B 92 -27.07 27.63 1.48
C ALA B 92 -28.19 26.65 1.13
N THR B 93 -27.92 25.36 1.30
CA THR B 93 -28.91 24.33 1.00
C THR B 93 -30.15 24.53 1.86
N VAL B 94 -29.95 25.04 3.07
CA VAL B 94 -31.06 25.28 3.99
C VAL B 94 -31.62 26.70 3.80
N GLU B 95 -30.72 27.67 3.72
CA GLU B 95 -31.11 29.06 3.57
C GLU B 95 -31.95 29.34 2.32
N LEU B 96 -31.74 28.57 1.26
CA LEU B 96 -32.47 28.78 0.02
C LEU B 96 -33.83 28.10 -0.04
N ALA B 97 -34.20 27.34 0.99
CA ALA B 97 -35.49 26.67 0.99
C ALA B 97 -36.58 27.73 0.86
N GLY B 98 -37.45 27.57 -0.14
CA GLY B 98 -38.52 28.53 -0.32
C GLY B 98 -38.13 29.71 -1.20
N ALA B 99 -36.89 29.73 -1.65
CA ALA B 99 -36.39 30.81 -2.50
C ALA B 99 -35.73 30.23 -3.74
N PRO B 100 -36.52 29.56 -4.60
CA PRO B 100 -36.01 28.95 -5.83
C PRO B 100 -35.56 29.90 -6.93
N THR B 101 -36.00 31.16 -6.88
CA THR B 101 -35.61 32.12 -7.91
C THR B 101 -34.44 33.02 -7.52
N ALA B 102 -33.84 32.75 -6.38
CA ALA B 102 -32.71 33.56 -5.91
C ALA B 102 -31.59 33.68 -6.93
N LEU B 103 -31.16 32.56 -7.48
CA LEU B 103 -30.07 32.57 -8.46
C LEU B 103 -30.49 33.33 -9.72
N ARG B 104 -31.69 33.04 -10.22
CA ARG B 104 -32.19 33.69 -11.43
C ARG B 104 -32.11 35.21 -11.31
N GLU B 105 -32.52 35.74 -10.16
CA GLU B 105 -32.52 37.18 -9.94
C GLU B 105 -31.16 37.79 -9.66
N ALA B 106 -30.19 36.96 -9.32
CA ALA B 106 -28.85 37.47 -9.03
C ALA B 106 -27.88 37.32 -10.19
N LEU B 107 -28.23 36.47 -11.15
CA LEU B 107 -27.37 36.22 -12.30
C LEU B 107 -27.36 37.27 -13.39
N ARG B 108 -26.62 38.35 -13.16
CA ARG B 108 -26.49 39.41 -14.17
C ARG B 108 -25.31 39.01 -15.05
N ASP B 109 -25.56 37.98 -15.86
CA ASP B 109 -24.57 37.40 -16.76
C ASP B 109 -24.73 37.78 -18.21
N GLU B 110 -25.38 38.90 -18.49
CA GLU B 110 -25.60 39.31 -19.88
C GLU B 110 -24.31 39.42 -20.70
N GLY B 111 -23.17 39.50 -20.02
CA GLY B 111 -21.91 39.59 -20.73
C GLY B 111 -21.43 38.29 -21.32
N TYR B 112 -22.12 37.19 -21.01
CA TYR B 112 -21.74 35.87 -21.51
C TYR B 112 -22.69 35.34 -22.58
N ASP B 113 -22.17 34.48 -23.46
CA ASP B 113 -22.99 33.88 -24.52
C ASP B 113 -23.72 32.68 -23.96
N LEU B 114 -23.02 31.91 -23.14
CA LEU B 114 -23.59 30.70 -22.55
C LEU B 114 -23.18 30.60 -21.09
N VAL B 115 -24.09 30.07 -20.28
CA VAL B 115 -23.82 29.90 -18.85
C VAL B 115 -24.17 28.45 -18.52
N LEU B 116 -23.23 27.74 -17.92
CA LEU B 116 -23.46 26.35 -17.53
C LEU B 116 -23.60 26.26 -16.02
N LEU B 117 -24.64 25.56 -15.55
CA LEU B 117 -24.87 25.43 -14.12
C LEU B 117 -24.68 23.97 -13.71
N ASP B 118 -23.68 23.69 -12.88
CA ASP B 118 -23.40 22.33 -12.41
C ASP B 118 -24.13 22.10 -11.09
N ALA B 119 -25.11 21.21 -11.09
CA ALA B 119 -25.89 20.95 -9.88
C ALA B 119 -25.49 19.70 -9.12
N PRO B 120 -25.76 19.67 -7.80
CA PRO B 120 -25.43 18.51 -6.97
C PRO B 120 -26.43 17.39 -7.21
N PRO B 121 -26.10 16.16 -6.79
CA PRO B 121 -26.99 15.01 -6.97
C PRO B 121 -28.15 15.01 -5.98
N SER B 122 -29.10 15.91 -6.21
CA SER B 122 -30.26 16.03 -5.34
C SER B 122 -31.26 16.98 -5.95
N LEU B 123 -32.39 17.14 -5.28
CA LEU B 123 -33.42 18.07 -5.71
C LEU B 123 -33.49 19.10 -4.59
N SER B 124 -32.33 19.46 -4.06
CA SER B 124 -32.23 20.44 -2.97
C SER B 124 -32.47 21.83 -3.53
N PRO B 125 -32.55 22.85 -2.65
CA PRO B 125 -32.77 24.22 -3.11
C PRO B 125 -31.72 24.70 -4.11
N LEU B 126 -30.50 24.16 -4.00
CA LEU B 126 -29.45 24.56 -4.93
C LEU B 126 -29.77 24.06 -6.34
N THR B 127 -30.21 22.81 -6.45
CA THR B 127 -30.59 22.26 -7.74
C THR B 127 -31.83 22.99 -8.27
N LEU B 128 -32.78 23.27 -7.38
CA LEU B 128 -33.99 23.97 -7.79
C LEU B 128 -33.67 25.36 -8.33
N ASN B 129 -32.71 26.03 -7.70
CA ASN B 129 -32.29 27.35 -8.16
C ASN B 129 -31.68 27.24 -9.55
N ALA B 130 -30.94 26.15 -9.79
CA ALA B 130 -30.33 25.94 -11.10
C ALA B 130 -31.41 25.77 -12.16
N LEU B 131 -32.40 24.94 -11.86
CA LEU B 131 -33.48 24.68 -12.80
C LEU B 131 -34.37 25.90 -13.02
N ALA B 132 -34.52 26.73 -12.00
CA ALA B 132 -35.35 27.92 -12.09
C ALA B 132 -34.66 29.03 -12.88
N ALA B 133 -33.33 28.98 -12.94
CA ALA B 133 -32.56 30.00 -13.66
C ALA B 133 -32.21 29.59 -15.08
N ALA B 134 -32.20 28.29 -15.35
CA ALA B 134 -31.84 27.79 -16.67
C ALA B 134 -32.96 27.88 -17.71
N GLU B 135 -32.58 27.75 -18.97
CA GLU B 135 -33.54 27.75 -20.07
C GLU B 135 -33.52 26.34 -20.67
N GLY B 136 -32.36 25.71 -20.60
CA GLY B 136 -32.22 24.36 -21.13
C GLY B 136 -31.57 23.44 -20.12
N VAL B 137 -31.84 22.14 -20.24
CA VAL B 137 -31.27 21.16 -19.34
C VAL B 137 -30.62 20.01 -20.09
N VAL B 138 -29.38 19.70 -19.70
CA VAL B 138 -28.67 18.57 -20.30
C VAL B 138 -28.67 17.55 -19.18
N VAL B 139 -29.21 16.37 -19.45
CA VAL B 139 -29.29 15.32 -18.46
C VAL B 139 -28.30 14.19 -18.72
N PRO B 140 -27.19 14.16 -17.97
CA PRO B 140 -26.20 13.11 -18.16
C PRO B 140 -26.75 11.82 -17.58
N VAL B 141 -26.72 10.75 -18.37
CA VAL B 141 -27.21 9.46 -17.90
C VAL B 141 -26.12 8.42 -18.11
N GLN B 142 -25.57 7.94 -17.00
CA GLN B 142 -24.53 6.92 -17.03
C GLN B 142 -25.10 5.67 -17.69
N ALA B 143 -24.31 5.05 -18.56
CA ALA B 143 -24.73 3.86 -19.29
C ALA B 143 -24.81 2.61 -18.41
N GLU B 144 -25.58 2.71 -17.32
CA GLU B 144 -25.76 1.60 -16.41
C GLU B 144 -27.21 1.56 -15.93
N TYR B 145 -27.59 0.54 -15.18
CA TYR B 145 -28.97 0.41 -14.73
C TYR B 145 -29.57 1.51 -13.85
N TYR B 146 -28.97 1.78 -12.69
CA TYR B 146 -29.56 2.81 -11.82
C TYR B 146 -29.84 4.14 -12.52
N ALA B 147 -28.88 4.61 -13.31
CA ALA B 147 -29.07 5.88 -14.02
C ALA B 147 -30.25 5.78 -14.99
N LEU B 148 -30.34 4.65 -15.69
CA LEU B 148 -31.43 4.43 -16.64
C LEU B 148 -32.78 4.43 -15.92
N GLU B 149 -32.83 3.76 -14.77
CA GLU B 149 -34.05 3.64 -13.99
C GLU B 149 -34.63 4.98 -13.53
N GLY B 150 -33.76 5.98 -13.35
CA GLY B 150 -34.24 7.26 -12.86
C GLY B 150 -34.68 8.28 -13.90
N VAL B 151 -34.42 8.03 -15.17
CA VAL B 151 -34.79 8.98 -16.21
C VAL B 151 -36.27 9.35 -16.27
N ALA B 152 -37.15 8.34 -16.28
CA ALA B 152 -38.58 8.62 -16.34
C ALA B 152 -39.00 9.59 -15.24
N GLY B 153 -38.61 9.29 -14.00
CA GLY B 153 -38.96 10.16 -12.89
C GLY B 153 -38.34 11.54 -13.00
N LEU B 154 -37.10 11.58 -13.48
CA LEU B 154 -36.38 12.84 -13.64
C LEU B 154 -37.08 13.74 -14.67
N LEU B 155 -37.50 13.15 -15.78
CA LEU B 155 -38.16 13.92 -16.82
C LEU B 155 -39.50 14.47 -16.33
N ALA B 156 -40.19 13.71 -15.50
CA ALA B 156 -41.48 14.15 -14.95
C ALA B 156 -41.26 15.34 -14.03
N THR B 157 -40.18 15.28 -13.25
CA THR B 157 -39.85 16.37 -12.33
C THR B 157 -39.57 17.66 -13.11
N LEU B 158 -38.85 17.54 -14.22
CA LEU B 158 -38.55 18.70 -15.05
C LEU B 158 -39.84 19.32 -15.56
N GLU B 159 -40.84 18.47 -15.80
CA GLU B 159 -42.14 18.94 -16.26
C GLU B 159 -42.83 19.69 -15.14
N GLU B 160 -42.68 19.20 -13.91
CA GLU B 160 -43.30 19.86 -12.76
C GLU B 160 -42.70 21.26 -12.62
N VAL B 161 -41.40 21.36 -12.86
CA VAL B 161 -40.71 22.63 -12.77
C VAL B 161 -41.21 23.59 -13.85
N ARG B 162 -41.26 23.10 -15.09
CA ARG B 162 -41.73 23.92 -16.20
C ARG B 162 -43.20 24.25 -16.05
N ALA B 163 -43.88 23.56 -15.14
CA ALA B 163 -45.32 23.78 -14.92
C ALA B 163 -45.62 25.12 -14.27
N GLY B 164 -44.72 25.60 -13.41
CA GLY B 164 -44.95 26.87 -12.75
C GLY B 164 -43.70 27.62 -12.36
N LEU B 165 -42.72 26.92 -11.80
CA LEU B 165 -41.48 27.53 -11.38
C LEU B 165 -40.70 28.17 -12.53
N ASN B 166 -40.65 27.49 -13.66
CA ASN B 166 -39.92 28.01 -14.82
C ASN B 166 -40.50 27.51 -16.15
N PRO B 167 -41.56 28.17 -16.63
CA PRO B 167 -42.25 27.83 -17.88
C PRO B 167 -41.38 27.73 -19.14
N ARG B 168 -40.26 28.45 -19.17
CA ARG B 168 -39.41 28.40 -20.35
C ARG B 168 -38.35 27.31 -20.32
N LEU B 169 -38.34 26.53 -19.24
CA LEU B 169 -37.36 25.44 -19.12
C LEU B 169 -37.69 24.31 -20.07
N ARG B 170 -36.68 23.85 -20.80
CA ARG B 170 -36.88 22.75 -21.73
C ARG B 170 -35.70 21.79 -21.66
N LEU B 171 -35.96 20.54 -22.04
CA LEU B 171 -34.91 19.53 -22.04
C LEU B 171 -34.08 19.75 -23.30
N LEU B 172 -32.81 20.11 -23.14
CA LEU B 172 -31.96 20.32 -24.30
C LEU B 172 -31.58 18.95 -24.85
N GLY B 173 -31.33 18.00 -23.95
CA GLY B 173 -30.99 16.67 -24.40
C GLY B 173 -30.52 15.72 -23.32
N ILE B 174 -30.61 14.43 -23.61
CA ILE B 174 -30.18 13.37 -22.70
C ILE B 174 -28.83 12.91 -23.23
N LEU B 175 -27.81 12.97 -22.38
CA LEU B 175 -26.45 12.57 -22.76
C LEU B 175 -25.99 11.27 -22.14
N VAL B 176 -25.71 10.28 -22.98
CA VAL B 176 -25.23 8.99 -22.48
C VAL B 176 -23.76 9.20 -22.10
N THR B 177 -23.41 8.89 -20.86
CA THR B 177 -22.03 9.09 -20.37
C THR B 177 -21.40 7.80 -19.84
N MET B 178 -20.08 7.85 -19.61
CA MET B 178 -19.33 6.71 -19.10
C MET B 178 -19.76 5.43 -19.77
N TYR B 179 -19.74 5.47 -21.10
CA TYR B 179 -20.14 4.36 -21.93
C TYR B 179 -18.97 3.45 -22.34
N ASP B 180 -19.06 2.17 -22.00
CA ASP B 180 -18.02 1.22 -22.39
C ASP B 180 -18.69 0.29 -23.40
N GLY B 181 -18.47 0.57 -24.68
CA GLY B 181 -19.07 -0.22 -25.74
C GLY B 181 -18.80 -1.72 -25.71
N ARG B 182 -17.79 -2.13 -24.95
CA ARG B 182 -17.45 -3.54 -24.86
C ARG B 182 -18.40 -4.31 -23.95
N THR B 183 -19.15 -3.60 -23.13
CA THR B 183 -20.09 -4.26 -22.23
C THR B 183 -21.50 -4.28 -22.80
N LEU B 184 -22.20 -5.38 -22.61
CA LEU B 184 -23.56 -5.52 -23.10
C LEU B 184 -24.48 -4.53 -22.39
N LEU B 185 -24.21 -4.30 -21.10
CA LEU B 185 -25.02 -3.38 -20.31
C LEU B 185 -25.06 -1.99 -20.92
N ALA B 186 -23.90 -1.46 -21.26
CA ALA B 186 -23.83 -0.12 -21.86
C ALA B 186 -24.63 -0.09 -23.16
N GLN B 187 -24.49 -1.13 -23.97
CA GLN B 187 -25.21 -1.20 -25.23
C GLN B 187 -26.73 -1.23 -25.00
N GLN B 188 -27.16 -2.07 -24.07
CA GLN B 188 -28.57 -2.20 -23.76
C GLN B 188 -29.15 -0.90 -23.18
N VAL B 189 -28.36 -0.21 -22.37
CA VAL B 189 -28.83 1.04 -21.78
C VAL B 189 -29.00 2.14 -22.82
N GLU B 190 -28.02 2.30 -23.71
CA GLU B 190 -28.13 3.33 -24.73
C GLU B 190 -29.34 3.00 -25.62
N ALA B 191 -29.52 1.71 -25.92
CA ALA B 191 -30.63 1.26 -26.75
C ALA B 191 -31.98 1.63 -26.15
N GLN B 192 -32.15 1.36 -24.85
CA GLN B 192 -33.41 1.67 -24.18
C GLN B 192 -33.67 3.18 -24.19
N LEU B 193 -32.62 3.96 -23.96
CA LEU B 193 -32.77 5.42 -23.95
C LEU B 193 -33.19 5.96 -25.31
N ARG B 194 -32.58 5.45 -26.38
CA ARG B 194 -32.93 5.94 -27.71
C ARG B 194 -34.30 5.42 -28.15
N ALA B 195 -34.68 4.24 -27.69
CA ALA B 195 -35.96 3.65 -28.04
C ALA B 195 -37.11 4.44 -27.43
N HIS B 196 -36.96 4.80 -26.15
CA HIS B 196 -37.99 5.54 -25.44
C HIS B 196 -38.00 7.06 -25.68
N PHE B 197 -36.82 7.66 -25.81
CA PHE B 197 -36.74 9.10 -25.97
C PHE B 197 -36.29 9.62 -27.32
N GLY B 198 -35.91 8.72 -28.21
CA GLY B 198 -35.48 9.10 -29.54
C GLY B 198 -34.53 10.27 -29.69
N GLU B 199 -34.98 11.28 -30.43
CA GLU B 199 -34.20 12.48 -30.71
C GLU B 199 -33.75 13.27 -29.47
N LYS B 200 -34.38 13.01 -28.33
CA LYS B 200 -34.01 13.73 -27.10
C LYS B 200 -32.60 13.34 -26.69
N VAL B 201 -32.18 12.13 -27.05
CA VAL B 201 -30.85 11.64 -26.71
C VAL B 201 -29.83 12.17 -27.71
N PHE B 202 -28.77 12.80 -27.20
CA PHE B 202 -27.71 13.34 -28.07
C PHE B 202 -27.10 12.22 -28.91
N TRP B 203 -26.60 12.57 -30.09
CA TRP B 203 -25.96 11.60 -30.97
C TRP B 203 -24.66 11.19 -30.32
N THR B 204 -23.92 12.18 -29.84
CA THR B 204 -22.63 11.94 -29.21
C THR B 204 -22.80 11.22 -27.89
N VAL B 205 -21.97 10.21 -27.69
CA VAL B 205 -21.98 9.43 -26.46
C VAL B 205 -20.59 9.61 -25.84
N ILE B 206 -20.54 9.86 -24.53
CA ILE B 206 -19.24 10.03 -23.90
C ILE B 206 -18.71 8.66 -23.47
N PRO B 207 -17.60 8.22 -24.06
CA PRO B 207 -17.02 6.93 -23.71
C PRO B 207 -16.28 6.95 -22.38
N ARG B 208 -16.24 5.81 -21.70
CA ARG B 208 -15.48 5.75 -20.46
C ARG B 208 -14.01 5.73 -20.87
N ASN B 209 -13.24 6.66 -20.33
CA ASN B 209 -11.81 6.74 -20.59
C ASN B 209 -11.18 7.43 -19.41
N VAL B 210 -10.18 6.78 -18.83
CA VAL B 210 -9.54 7.28 -17.63
C VAL B 210 -8.95 8.70 -17.69
N ARG B 211 -8.60 9.20 -18.87
CA ARG B 211 -8.05 10.55 -18.94
C ARG B 211 -9.07 11.56 -18.43
N LEU B 212 -10.35 11.27 -18.62
CA LEU B 212 -11.40 12.17 -18.16
C LEU B 212 -11.40 12.28 -16.63
N ALA B 213 -11.08 11.17 -15.96
CA ALA B 213 -11.04 11.15 -14.50
C ALA B 213 -9.74 11.75 -13.99
N GLU B 214 -8.68 11.62 -14.78
CA GLU B 214 -7.36 12.17 -14.40
C GLU B 214 -7.31 13.68 -14.47
N ALA B 215 -7.89 14.23 -15.53
CA ALA B 215 -7.86 15.67 -15.78
C ALA B 215 -8.07 16.57 -14.55
N PRO B 216 -9.13 16.34 -13.77
CA PRO B 216 -9.42 17.14 -12.59
C PRO B 216 -8.29 17.16 -11.54
N SER B 217 -7.56 16.05 -11.43
CA SER B 217 -6.50 15.97 -10.44
C SER B 217 -5.36 16.93 -10.75
N PHE B 218 -5.34 17.43 -11.99
CA PHE B 218 -4.32 18.38 -12.41
C PHE B 218 -4.93 19.78 -12.52
N GLY B 219 -6.23 19.86 -12.25
CA GLY B 219 -6.92 21.13 -12.32
C GLY B 219 -7.11 21.55 -13.77
N LYS B 220 -7.09 20.57 -14.67
CA LYS B 220 -7.23 20.85 -16.10
C LYS B 220 -8.46 20.22 -16.74
N THR B 221 -8.93 20.84 -17.82
CA THR B 221 -10.08 20.29 -18.55
C THR B 221 -9.49 19.19 -19.43
N ILE B 222 -10.33 18.37 -20.03
CA ILE B 222 -9.80 17.30 -20.87
C ILE B 222 -9.09 17.89 -22.08
N ALA B 223 -9.50 19.08 -22.51
CA ALA B 223 -8.89 19.72 -23.67
C ALA B 223 -7.44 20.11 -23.36
N GLN B 224 -7.16 20.33 -22.08
CA GLN B 224 -5.81 20.69 -21.64
C GLN B 224 -4.98 19.46 -21.29
N HIS B 225 -5.61 18.51 -20.60
CA HIS B 225 -4.94 17.29 -20.15
C HIS B 225 -4.66 16.21 -21.19
N ALA B 226 -5.64 15.90 -22.03
CA ALA B 226 -5.47 14.87 -23.06
C ALA B 226 -6.32 15.25 -24.26
N PRO B 227 -5.91 16.30 -24.99
CA PRO B 227 -6.59 16.83 -26.17
C PRO B 227 -6.95 15.90 -27.32
N THR B 228 -6.32 14.73 -27.39
CA THR B 228 -6.61 13.79 -28.46
C THR B 228 -7.20 12.47 -27.97
N SER B 229 -7.55 12.42 -26.69
CA SER B 229 -8.12 11.20 -26.11
C SER B 229 -9.59 11.05 -26.54
N PRO B 230 -10.15 9.84 -26.37
CA PRO B 230 -11.55 9.59 -26.75
C PRO B 230 -12.55 10.58 -26.13
N GLY B 231 -12.32 10.93 -24.86
CA GLY B 231 -13.19 11.86 -24.18
C GLY B 231 -13.12 13.26 -24.75
N ALA B 232 -11.95 13.67 -25.22
CA ALA B 232 -11.77 14.99 -25.79
C ALA B 232 -12.58 15.09 -27.08
N HIS B 233 -12.43 14.09 -27.95
CA HIS B 233 -13.16 14.07 -29.21
C HIS B 233 -14.65 14.08 -28.95
N ALA B 234 -15.08 13.30 -27.97
CA ALA B 234 -16.49 13.19 -27.63
C ALA B 234 -17.08 14.51 -27.16
N TYR B 235 -16.40 15.17 -26.23
CA TYR B 235 -16.92 16.43 -25.73
C TYR B 235 -16.82 17.54 -26.77
N ARG B 236 -15.85 17.45 -27.68
CA ARG B 236 -15.74 18.46 -28.73
C ARG B 236 -16.98 18.32 -29.61
N ARG B 237 -17.34 17.09 -29.94
CA ARG B 237 -18.52 16.84 -30.76
C ARG B 237 -19.80 17.26 -30.05
N LEU B 238 -19.84 17.06 -28.72
CA LEU B 238 -21.02 17.44 -27.94
C LEU B 238 -21.23 18.95 -28.00
N ALA B 239 -20.14 19.71 -27.90
CA ALA B 239 -20.24 21.17 -27.95
C ALA B 239 -20.92 21.59 -29.24
N GLU B 240 -20.56 20.94 -30.33
CA GLU B 240 -21.16 21.24 -31.63
C GLU B 240 -22.65 20.91 -31.62
N GLU B 241 -22.99 19.75 -31.06
CA GLU B 241 -24.38 19.32 -30.98
C GLU B 241 -25.19 20.29 -30.12
N VAL B 242 -24.62 20.67 -28.98
CA VAL B 242 -25.29 21.59 -28.09
C VAL B 242 -25.61 22.90 -28.80
N MET B 243 -24.62 23.44 -29.52
CA MET B 243 -24.84 24.68 -30.25
C MET B 243 -25.93 24.52 -31.30
N ALA B 244 -25.97 23.34 -31.93
CA ALA B 244 -26.98 23.07 -32.93
C ALA B 244 -28.37 23.10 -32.30
N ARG B 245 -28.51 22.50 -31.13
CA ARG B 245 -29.80 22.45 -30.45
C ARG B 245 -30.20 23.79 -29.85
N VAL B 246 -29.22 24.61 -29.52
CA VAL B 246 -29.49 25.93 -28.96
C VAL B 246 -30.01 26.85 -30.07
N GLN B 247 -29.52 26.63 -31.28
CA GLN B 247 -29.92 27.44 -32.42
C GLN B 247 -31.18 26.94 -33.13
N GLU B 248 -31.74 27.70 -33.94
N LYS C 5 -1.63 -24.34 -4.30
CA LYS C 5 -1.82 -23.63 -3.00
C LYS C 5 -0.46 -23.35 -2.35
N VAL C 6 -0.34 -22.17 -1.76
CA VAL C 6 0.91 -21.78 -1.09
C VAL C 6 0.88 -22.21 0.37
N ARG C 7 1.75 -23.14 0.73
CA ARG C 7 1.84 -23.64 2.09
C ARG C 7 3.18 -23.25 2.70
N ARG C 8 4.24 -23.53 1.95
CA ARG C 8 5.60 -23.25 2.38
C ARG C 8 6.05 -21.89 1.89
N ILE C 9 6.47 -21.04 2.83
CA ILE C 9 6.92 -19.69 2.51
C ILE C 9 8.35 -19.50 2.99
N ALA C 10 9.23 -19.14 2.06
CA ALA C 10 10.62 -18.91 2.41
C ALA C 10 10.89 -17.43 2.65
N LEU C 11 11.66 -17.14 3.69
CA LEU C 11 12.04 -15.76 4.00
C LEU C 11 13.48 -15.77 3.52
N ALA C 12 13.70 -15.17 2.35
CA ALA C 12 15.04 -15.18 1.77
C ALA C 12 15.54 -13.87 1.18
N ASN C 13 16.87 -13.71 1.26
CA ASN C 13 17.57 -12.57 0.74
C ASN C 13 19.05 -12.75 1.07
N GLN C 14 19.89 -12.87 0.05
CA GLN C 14 21.30 -13.08 0.31
C GLN C 14 21.96 -11.92 1.05
N LYS C 15 21.32 -10.74 1.06
CA LYS C 15 21.89 -9.61 1.79
C LYS C 15 21.77 -9.94 3.27
N GLY C 16 22.84 -9.72 4.03
CA GLY C 16 22.79 -10.03 5.44
C GLY C 16 22.10 -8.99 6.30
N GLY C 17 21.46 -9.44 7.37
CA GLY C 17 20.80 -8.54 8.31
C GLY C 17 19.71 -7.63 7.79
N VAL C 18 18.78 -8.20 7.03
CA VAL C 18 17.67 -7.41 6.48
C VAL C 18 16.33 -7.78 7.10
N GLY C 19 16.37 -8.57 8.17
CA GLY C 19 15.14 -8.93 8.85
C GLY C 19 14.50 -10.26 8.49
N LYS C 20 15.25 -11.17 7.87
CA LYS C 20 14.70 -12.48 7.51
C LYS C 20 14.19 -13.22 8.75
N THR C 21 15.07 -13.39 9.73
CA THR C 21 14.74 -14.09 10.97
C THR C 21 13.66 -13.40 11.78
N THR C 22 13.80 -12.09 11.97
CA THR C 22 12.84 -11.33 12.72
C THR C 22 11.46 -11.50 12.08
N THR C 23 11.44 -11.49 10.76
CA THR C 23 10.20 -11.65 10.02
C THR C 23 9.65 -13.07 10.12
N ALA C 24 10.52 -14.07 10.02
CA ALA C 24 10.08 -15.45 10.09
C ALA C 24 9.46 -15.78 11.46
N ILE C 25 10.13 -15.33 12.52
CA ILE C 25 9.62 -15.58 13.87
C ILE C 25 8.31 -14.85 14.16
N ASN C 26 8.27 -13.55 13.88
CA ASN C 26 7.07 -12.79 14.17
C ASN C 26 5.89 -13.11 13.26
N LEU C 27 6.17 -13.53 12.02
CA LEU C 27 5.09 -13.92 11.13
C LEU C 27 4.48 -15.21 11.67
N ALA C 28 5.34 -16.12 12.12
CA ALA C 28 4.87 -17.38 12.67
C ALA C 28 3.99 -17.08 13.89
N ALA C 29 4.44 -16.15 14.72
CA ALA C 29 3.70 -15.78 15.93
C ALA C 29 2.30 -15.27 15.66
N TYR C 30 2.16 -14.39 14.67
CA TYR C 30 0.85 -13.85 14.36
C TYR C 30 -0.01 -14.78 13.50
N LEU C 31 0.61 -15.60 12.66
CA LEU C 31 -0.15 -16.54 11.86
C LEU C 31 -0.75 -17.58 12.79
N ALA C 32 -0.01 -17.93 13.84
CA ALA C 32 -0.49 -18.89 14.82
C ALA C 32 -1.68 -18.31 15.56
N ARG C 33 -1.60 -17.01 15.86
CA ARG C 33 -2.69 -16.34 16.56
C ARG C 33 -3.90 -16.16 15.66
N LEU C 34 -3.72 -16.38 14.36
CA LEU C 34 -4.83 -16.30 13.42
C LEU C 34 -5.48 -17.69 13.33
N GLY C 35 -5.00 -18.61 14.17
CA GLY C 35 -5.55 -19.96 14.20
C GLY C 35 -4.90 -20.97 13.27
N LYS C 36 -3.79 -20.61 12.66
CA LYS C 36 -3.10 -21.52 11.74
C LYS C 36 -2.09 -22.39 12.48
N ARG C 37 -1.91 -23.62 11.98
CA ARG C 37 -0.94 -24.55 12.54
C ARG C 37 0.34 -24.24 11.77
N VAL C 38 1.32 -23.66 12.46
CA VAL C 38 2.55 -23.25 11.80
C VAL C 38 3.82 -23.97 12.20
N LEU C 39 4.66 -24.25 11.20
CA LEU C 39 5.96 -24.88 11.42
C LEU C 39 7.00 -23.88 10.93
N LEU C 40 7.93 -23.53 11.80
CA LEU C 40 9.01 -22.62 11.44
C LEU C 40 10.27 -23.45 11.36
N VAL C 41 10.95 -23.43 10.22
CA VAL C 41 12.18 -24.19 10.03
C VAL C 41 13.39 -23.27 9.98
N ASP C 42 14.37 -23.50 10.85
CA ASP C 42 15.58 -22.68 10.90
C ASP C 42 16.62 -23.33 9.99
N LEU C 43 16.88 -22.73 8.83
CA LEU C 43 17.84 -23.28 7.88
C LEU C 43 19.18 -22.56 7.91
N ALA C 44 19.33 -21.62 8.83
CA ALA C 44 20.57 -20.86 8.94
C ALA C 44 21.59 -21.53 9.85
N PRO C 45 22.83 -21.69 9.37
CA PRO C 45 23.87 -22.32 10.20
C PRO C 45 24.02 -21.54 11.49
N GLN C 46 23.77 -20.23 11.41
CA GLN C 46 23.87 -19.34 12.56
C GLN C 46 22.85 -19.74 13.63
N GLY C 47 21.70 -20.24 13.17
CA GLY C 47 20.65 -20.67 14.08
C GLY C 47 20.03 -19.56 14.90
N ASN C 48 19.90 -18.37 14.32
CA ASN C 48 19.31 -17.26 15.07
C ASN C 48 17.84 -17.46 15.42
N ALA C 49 17.06 -18.01 14.49
CA ALA C 49 15.65 -18.23 14.77
C ALA C 49 15.51 -19.12 16.00
N THR C 50 16.36 -20.13 16.07
CA THR C 50 16.34 -21.08 17.19
C THR C 50 16.71 -20.39 18.49
N SER C 51 17.83 -19.66 18.50
CA SER C 51 18.26 -18.95 19.70
C SER C 51 17.21 -17.90 20.08
N GLY C 52 16.67 -17.22 19.07
CA GLY C 52 15.67 -16.19 19.32
C GLY C 52 14.40 -16.69 19.97
N LEU C 53 14.18 -18.01 19.95
CA LEU C 53 12.99 -18.58 20.55
C LEU C 53 13.34 -19.36 21.84
N GLY C 54 14.53 -19.09 22.38
CA GLY C 54 14.97 -19.72 23.61
C GLY C 54 15.20 -21.22 23.54
N VAL C 55 15.47 -21.74 22.34
CA VAL C 55 15.69 -23.16 22.17
C VAL C 55 17.17 -23.50 21.94
N ARG C 56 17.61 -24.60 22.54
CA ARG C 56 18.97 -25.07 22.41
C ARG C 56 18.80 -26.57 22.13
N ALA C 57 18.74 -26.91 20.85
CA ALA C 57 18.53 -28.30 20.45
C ALA C 57 19.78 -29.04 20.00
N GLU C 58 19.75 -30.36 20.19
CA GLU C 58 20.87 -31.20 19.78
C GLU C 58 20.48 -31.93 18.51
N ARG C 59 19.21 -31.86 18.16
CA ARG C 59 18.72 -32.49 16.94
C ARG C 59 17.82 -31.49 16.21
N GLY C 60 17.95 -31.43 14.88
CA GLY C 60 17.14 -30.49 14.12
C GLY C 60 16.99 -30.80 12.65
N VAL C 61 17.03 -29.75 11.83
CA VAL C 61 16.89 -29.88 10.38
C VAL C 61 17.88 -30.90 9.78
N TYR C 62 19.13 -30.84 10.22
CA TYR C 62 20.14 -31.75 9.71
C TYR C 62 19.71 -33.20 9.88
N HIS C 63 19.15 -33.52 11.04
CA HIS C 63 18.73 -34.88 11.34
C HIS C 63 17.49 -35.26 10.54
N LEU C 64 16.65 -34.28 10.24
CA LEU C 64 15.45 -34.53 9.42
C LEU C 64 15.95 -34.98 8.05
N LEU C 65 16.96 -34.29 7.55
CA LEU C 65 17.53 -34.59 6.24
C LEU C 65 18.16 -35.98 6.23
N GLN C 66 18.67 -36.43 7.37
CA GLN C 66 19.30 -37.75 7.43
C GLN C 66 18.27 -38.87 7.50
N GLY C 67 17.02 -38.53 7.80
CA GLY C 67 16.00 -39.57 7.86
C GLY C 67 15.18 -39.66 9.13
N GLU C 68 15.49 -38.82 10.12
CA GLU C 68 14.75 -38.85 11.37
C GLU C 68 13.38 -38.19 11.23
N PRO C 69 12.34 -38.78 11.86
CA PRO C 69 10.98 -38.25 11.80
C PRO C 69 10.81 -36.83 12.32
N LEU C 70 10.06 -36.03 11.57
CA LEU C 70 9.80 -34.64 11.92
C LEU C 70 9.15 -34.50 13.30
N GLU C 71 8.14 -35.33 13.56
CA GLU C 71 7.40 -35.30 14.82
C GLU C 71 8.26 -35.24 16.09
N GLY C 72 9.37 -35.99 16.10
CA GLY C 72 10.22 -36.00 17.26
C GLY C 72 11.31 -34.95 17.24
N LEU C 73 11.30 -34.08 16.24
CA LEU C 73 12.32 -33.03 16.12
C LEU C 73 11.79 -31.62 16.40
N VAL C 74 10.46 -31.46 16.39
CA VAL C 74 9.88 -30.14 16.62
C VAL C 74 9.75 -29.72 18.08
N HIS C 75 9.89 -28.43 18.32
CA HIS C 75 9.76 -27.83 19.65
C HIS C 75 8.59 -26.86 19.68
N PRO C 76 7.67 -27.03 20.63
CA PRO C 76 6.52 -26.13 20.72
C PRO C 76 6.95 -24.78 21.29
N VAL C 77 6.68 -23.71 20.56
CA VAL C 77 7.03 -22.37 21.02
C VAL C 77 6.01 -21.33 20.54
N ASP C 78 5.56 -20.50 21.49
CA ASP C 78 4.60 -19.43 21.23
C ASP C 78 3.41 -19.79 20.32
N GLY C 79 2.84 -20.97 20.50
CA GLY C 79 1.70 -21.35 19.69
C GLY C 79 1.98 -22.07 18.40
N PHE C 80 3.25 -22.15 18.01
CA PHE C 80 3.61 -22.86 16.79
C PHE C 80 4.72 -23.86 17.05
N HIS C 81 5.23 -24.50 16.01
CA HIS C 81 6.31 -25.47 16.16
C HIS C 81 7.58 -25.01 15.47
N LEU C 82 8.71 -25.33 16.08
CA LEU C 82 10.01 -24.97 15.50
C LEU C 82 10.86 -26.20 15.20
N LEU C 83 11.37 -26.29 13.97
CA LEU C 83 12.28 -27.35 13.58
C LEU C 83 13.59 -26.57 13.68
N PRO C 84 14.31 -26.75 14.79
CA PRO C 84 15.58 -26.06 15.08
C PRO C 84 16.81 -26.33 14.23
N ALA C 85 17.74 -25.39 14.32
CA ALA C 85 19.03 -25.48 13.65
C ALA C 85 19.99 -25.96 14.73
N THR C 86 21.01 -26.71 14.35
CA THR C 86 22.00 -27.20 15.29
C THR C 86 23.37 -27.00 14.64
N PRO C 87 24.46 -27.19 15.39
CA PRO C 87 25.79 -27.00 14.81
C PRO C 87 26.11 -27.98 13.67
N ASP C 88 25.24 -28.95 13.46
CA ASP C 88 25.43 -29.93 12.39
C ASP C 88 25.09 -29.37 11.01
N LEU C 89 24.21 -28.38 10.97
CA LEU C 89 23.82 -27.77 9.70
C LEU C 89 25.03 -27.24 8.92
N VAL C 90 26.05 -26.81 9.65
CA VAL C 90 27.26 -26.25 9.05
C VAL C 90 27.88 -27.18 8.01
N GLY C 91 27.76 -28.48 8.21
CA GLY C 91 28.34 -29.44 7.28
C GLY C 91 27.39 -29.95 6.22
N ALA C 92 26.12 -29.57 6.29
CA ALA C 92 25.12 -30.02 5.33
C ALA C 92 25.30 -29.36 3.97
N THR C 93 26.27 -28.44 3.87
CA THR C 93 26.53 -27.71 2.63
C THR C 93 26.76 -28.62 1.42
N VAL C 94 27.76 -29.50 1.51
CA VAL C 94 28.08 -30.40 0.41
C VAL C 94 26.91 -31.30 0.04
N GLU C 95 26.26 -31.87 1.04
CA GLU C 95 25.12 -32.76 0.81
C GLU C 95 24.00 -32.06 0.04
N LEU C 96 23.59 -30.90 0.54
CA LEU C 96 22.52 -30.15 -0.09
C LEU C 96 22.91 -29.58 -1.45
N ALA C 97 24.20 -29.41 -1.68
CA ALA C 97 24.68 -28.87 -2.95
C ALA C 97 24.31 -29.83 -4.09
N GLY C 98 24.48 -31.13 -3.84
CA GLY C 98 24.17 -32.12 -4.86
C GLY C 98 22.72 -32.57 -4.87
N ALA C 99 21.91 -32.06 -3.94
CA ALA C 99 20.51 -32.43 -3.87
C ALA C 99 19.63 -31.23 -3.51
N PRO C 100 19.33 -30.38 -4.51
CA PRO C 100 18.49 -29.20 -4.29
C PRO C 100 17.07 -29.47 -3.80
N THR C 101 16.56 -30.68 -4.04
CA THR C 101 15.21 -31.02 -3.60
C THR C 101 15.17 -31.88 -2.33
N ALA C 102 16.31 -31.98 -1.65
CA ALA C 102 16.37 -32.78 -0.42
C ALA C 102 15.42 -32.28 0.67
N LEU C 103 15.42 -30.98 0.93
CA LEU C 103 14.55 -30.43 1.96
C LEU C 103 13.08 -30.66 1.59
N ARG C 104 12.76 -30.41 0.33
CA ARG C 104 11.40 -30.59 -0.17
C ARG C 104 10.90 -32.00 0.16
N GLU C 105 11.69 -32.99 -0.21
CA GLU C 105 11.31 -34.38 0.01
C GLU C 105 11.31 -34.76 1.49
N ALA C 106 12.14 -34.10 2.29
CA ALA C 106 12.21 -34.39 3.73
C ALA C 106 11.11 -33.69 4.52
N LEU C 107 10.53 -32.63 3.95
CA LEU C 107 9.48 -31.90 4.64
C LEU C 107 8.10 -32.55 4.56
N ARG C 108 7.94 -33.66 5.27
CA ARG C 108 6.65 -34.35 5.30
C ARG C 108 5.89 -33.60 6.39
N ASP C 109 5.46 -32.39 6.03
CA ASP C 109 4.76 -31.48 6.92
C ASP C 109 3.26 -31.33 6.66
N GLU C 110 2.65 -32.35 6.06
CA GLU C 110 1.23 -32.29 5.75
C GLU C 110 0.32 -31.92 6.93
N GLY C 111 0.82 -32.08 8.16
CA GLY C 111 0.01 -31.76 9.31
C GLY C 111 -0.07 -30.28 9.65
N TYR C 112 0.66 -29.45 8.92
CA TYR C 112 0.65 -28.00 9.17
C TYR C 112 -0.07 -27.23 8.06
N ASP C 113 -0.60 -26.07 8.41
CA ASP C 113 -1.29 -25.23 7.43
C ASP C 113 -0.27 -24.39 6.69
N LEU C 114 0.74 -23.92 7.43
CA LEU C 114 1.79 -23.08 6.87
C LEU C 114 3.15 -23.46 7.41
N VAL C 115 4.15 -23.42 6.55
CA VAL C 115 5.52 -23.75 6.92
C VAL C 115 6.42 -22.59 6.51
N LEU C 116 7.10 -21.99 7.47
CA LEU C 116 7.99 -20.87 7.20
C LEU C 116 9.44 -21.32 7.21
N LEU C 117 10.18 -20.96 6.16
CA LEU C 117 11.58 -21.34 6.05
C LEU C 117 12.49 -20.14 6.20
N ASP C 118 13.26 -20.10 7.28
CA ASP C 118 14.18 -18.99 7.52
C ASP C 118 15.53 -19.34 6.89
N ALA C 119 15.88 -18.64 5.82
CA ALA C 119 17.13 -18.90 5.10
C ALA C 119 18.29 -18.00 5.50
N PRO C 120 19.53 -18.51 5.37
CA PRO C 120 20.72 -17.73 5.72
C PRO C 120 21.04 -16.74 4.60
N PRO C 121 21.92 -15.75 4.88
CA PRO C 121 22.35 -14.70 3.94
C PRO C 121 23.32 -15.13 2.82
N SER C 122 22.81 -15.86 1.84
CA SER C 122 23.63 -16.31 0.72
C SER C 122 22.80 -17.18 -0.19
N LEU C 123 23.40 -17.66 -1.26
CA LEU C 123 22.71 -18.53 -2.20
C LEU C 123 23.33 -19.91 -2.01
N SER C 124 23.60 -20.25 -0.75
CA SER C 124 24.19 -21.54 -0.40
C SER C 124 23.16 -22.62 -0.68
N PRO C 125 23.55 -23.89 -0.56
CA PRO C 125 22.62 -25.01 -0.80
C PRO C 125 21.39 -24.95 0.10
N LEU C 126 21.56 -24.40 1.30
CA LEU C 126 20.45 -24.29 2.24
C LEU C 126 19.38 -23.34 1.70
N THR C 127 19.81 -22.23 1.13
CA THR C 127 18.86 -21.29 0.56
C THR C 127 18.22 -21.88 -0.68
N LEU C 128 19.04 -22.52 -1.53
CA LEU C 128 18.52 -23.13 -2.74
C LEU C 128 17.49 -24.21 -2.38
N ASN C 129 17.77 -24.98 -1.34
CA ASN C 129 16.86 -26.01 -0.90
C ASN C 129 15.56 -25.39 -0.39
N ALA C 130 15.67 -24.21 0.22
CA ALA C 130 14.49 -23.52 0.72
C ALA C 130 13.64 -23.06 -0.45
N LEU C 131 14.29 -22.55 -1.49
CA LEU C 131 13.58 -22.07 -2.67
C LEU C 131 12.97 -23.21 -3.49
N ALA C 132 13.60 -24.38 -3.43
CA ALA C 132 13.11 -25.53 -4.15
C ALA C 132 11.93 -26.17 -3.43
N ALA C 133 11.83 -25.92 -2.14
CA ALA C 133 10.76 -26.49 -1.31
C ALA C 133 9.56 -25.57 -1.13
N ALA C 134 9.76 -24.27 -1.25
CA ALA C 134 8.68 -23.32 -1.06
C ALA C 134 7.80 -23.07 -2.28
N GLU C 135 6.59 -22.60 -2.03
CA GLU C 135 5.66 -22.25 -3.11
C GLU C 135 5.63 -20.73 -3.18
N GLY C 136 5.97 -20.08 -2.06
CA GLY C 136 5.98 -18.64 -2.02
C GLY C 136 7.24 -18.09 -1.36
N VAL C 137 7.59 -16.86 -1.71
CA VAL C 137 8.78 -16.24 -1.14
C VAL C 137 8.46 -14.83 -0.67
N VAL C 138 8.87 -14.51 0.56
CA VAL C 138 8.70 -13.18 1.09
C VAL C 138 10.13 -12.64 1.15
N VAL C 139 10.36 -11.54 0.46
CA VAL C 139 11.70 -10.96 0.39
C VAL C 139 11.81 -9.72 1.26
N PRO C 140 12.46 -9.84 2.43
CA PRO C 140 12.59 -8.65 3.28
C PRO C 140 13.69 -7.76 2.72
N VAL C 141 13.38 -6.48 2.58
CA VAL C 141 14.34 -5.53 2.06
C VAL C 141 14.47 -4.36 3.03
N GLN C 142 15.64 -4.27 3.67
CA GLN C 142 15.93 -3.20 4.62
C GLN C 142 15.86 -1.87 3.86
N ALA C 143 15.29 -0.85 4.48
CA ALA C 143 15.13 0.46 3.81
C ALA C 143 16.43 1.24 3.70
N GLU C 144 17.44 0.62 3.09
CA GLU C 144 18.74 1.23 2.90
C GLU C 144 19.26 0.87 1.51
N TYR C 145 20.37 1.47 1.10
CA TYR C 145 20.91 1.24 -0.24
C TYR C 145 21.35 -0.17 -0.63
N TYR C 146 22.22 -0.79 0.15
CA TYR C 146 22.69 -2.13 -0.23
C TYR C 146 21.54 -3.11 -0.44
N ALA C 147 20.55 -3.12 0.45
CA ALA C 147 19.44 -4.05 0.27
C ALA C 147 18.66 -3.70 -1.00
N LEU C 148 18.45 -2.40 -1.25
CA LEU C 148 17.73 -1.98 -2.45
C LEU C 148 18.47 -2.42 -3.71
N GLU C 149 19.78 -2.24 -3.70
CA GLU C 149 20.62 -2.59 -4.84
C GLU C 149 20.58 -4.07 -5.23
N GLY C 150 20.33 -4.95 -4.26
CA GLY C 150 20.31 -6.37 -4.56
C GLY C 150 19.00 -6.99 -5.00
N VAL C 151 17.90 -6.24 -4.92
CA VAL C 151 16.59 -6.78 -5.28
C VAL C 151 16.47 -7.25 -6.72
N ALA C 152 16.95 -6.46 -7.67
CA ALA C 152 16.87 -6.83 -9.08
C ALA C 152 17.48 -8.22 -9.28
N GLY C 153 18.71 -8.40 -8.80
CA GLY C 153 19.38 -9.67 -8.95
C GLY C 153 18.70 -10.80 -8.19
N LEU C 154 18.08 -10.49 -7.07
CA LEU C 154 17.41 -11.49 -6.27
C LEU C 154 16.19 -12.05 -7.03
N LEU C 155 15.38 -11.17 -7.59
CA LEU C 155 14.20 -11.59 -8.34
C LEU C 155 14.61 -12.38 -9.57
N ALA C 156 15.73 -12.02 -10.18
CA ALA C 156 16.20 -12.72 -11.37
C ALA C 156 16.50 -14.16 -10.99
N THR C 157 17.04 -14.35 -9.79
CA THR C 157 17.39 -15.68 -9.28
C THR C 157 16.13 -16.49 -9.02
N LEU C 158 15.12 -15.87 -8.43
CA LEU C 158 13.87 -16.57 -8.16
C LEU C 158 13.30 -17.10 -9.48
N GLU C 159 13.48 -16.34 -10.56
CA GLU C 159 12.99 -16.75 -11.87
C GLU C 159 13.78 -17.93 -12.41
N GLU C 160 15.07 -17.97 -12.09
CA GLU C 160 15.92 -19.08 -12.53
C GLU C 160 15.42 -20.37 -11.90
N VAL C 161 15.12 -20.31 -10.61
CA VAL C 161 14.62 -21.46 -9.87
C VAL C 161 13.27 -21.91 -10.43
N ARG C 162 12.39 -20.95 -10.68
CA ARG C 162 11.07 -21.26 -11.21
C ARG C 162 11.17 -21.85 -12.62
N ALA C 163 12.20 -21.43 -13.35
CA ALA C 163 12.41 -21.88 -14.72
C ALA C 163 12.61 -23.39 -14.85
N GLY C 164 13.00 -24.04 -13.76
CA GLY C 164 13.19 -25.49 -13.84
C GLY C 164 13.20 -26.22 -12.52
N LEU C 165 14.04 -25.76 -11.59
CA LEU C 165 14.15 -26.39 -10.27
C LEU C 165 12.82 -26.49 -9.53
N ASN C 166 12.04 -25.42 -9.57
CA ASN C 166 10.76 -25.40 -8.87
C ASN C 166 9.73 -24.49 -9.54
N PRO C 167 8.95 -25.05 -10.48
CA PRO C 167 7.91 -24.32 -11.22
C PRO C 167 6.79 -23.71 -10.39
N ARG C 168 6.58 -24.18 -9.17
CA ARG C 168 5.53 -23.62 -8.35
C ARG C 168 6.00 -22.47 -7.46
N LEU C 169 7.25 -22.06 -7.62
CA LEU C 169 7.80 -20.98 -6.81
C LEU C 169 7.30 -19.63 -7.34
N ARG C 170 6.76 -18.82 -6.44
CA ARG C 170 6.25 -17.51 -6.83
C ARG C 170 6.61 -16.49 -5.74
N LEU C 171 6.81 -15.26 -6.16
CA LEU C 171 7.14 -14.19 -5.21
C LEU C 171 5.84 -13.83 -4.52
N LEU C 172 5.77 -14.02 -3.21
CA LEU C 172 4.56 -13.68 -2.47
C LEU C 172 4.56 -12.17 -2.27
N GLY C 173 5.74 -11.61 -1.99
CA GLY C 173 5.81 -10.17 -1.80
C GLY C 173 7.16 -9.67 -1.29
N ILE C 174 7.40 -8.38 -1.51
CA ILE C 174 8.63 -7.73 -1.05
C ILE C 174 8.21 -6.95 0.19
N LEU C 175 8.91 -7.18 1.30
CA LEU C 175 8.59 -6.50 2.55
C LEU C 175 9.64 -5.48 2.93
N VAL C 176 9.24 -4.22 3.10
CA VAL C 176 10.19 -3.18 3.50
C VAL C 176 10.37 -3.34 5.00
N THR C 177 11.62 -3.47 5.45
CA THR C 177 11.94 -3.67 6.86
C THR C 177 12.87 -2.61 7.45
N MET C 178 12.97 -2.58 8.78
CA MET C 178 13.84 -1.63 9.49
C MET C 178 13.75 -0.24 8.90
N TYR C 179 12.52 0.21 8.74
CA TYR C 179 12.21 1.50 8.15
C TYR C 179 12.09 2.63 9.18
N ASP C 180 12.90 3.67 9.03
CA ASP C 180 12.82 4.83 9.92
C ASP C 180 12.38 5.98 9.02
N GLY C 181 11.07 6.23 9.02
CA GLY C 181 10.49 7.28 8.20
C GLY C 181 11.07 8.68 8.37
N ARG C 182 11.82 8.88 9.45
CA ARG C 182 12.42 10.18 9.70
C ARG C 182 13.63 10.42 8.81
N THR C 183 14.13 9.37 8.18
CA THR C 183 15.29 9.49 7.30
C THR C 183 14.86 9.58 5.84
N LEU C 184 15.52 10.45 5.08
CA LEU C 184 15.20 10.59 3.66
C LEU C 184 15.54 9.29 2.93
N LEU C 185 16.63 8.65 3.35
CA LEU C 185 17.06 7.40 2.73
C LEU C 185 15.95 6.35 2.78
N ALA C 186 15.37 6.12 3.95
CA ALA C 186 14.31 5.13 4.08
C ALA C 186 13.14 5.48 3.18
N GLN C 187 12.79 6.77 3.13
CA GLN C 187 11.70 7.23 2.29
C GLN C 187 11.98 6.96 0.82
N GLN C 188 13.19 7.29 0.38
CA GLN C 188 13.58 7.11 -1.00
C GLN C 188 13.64 5.64 -1.39
N VAL C 189 14.11 4.81 -0.47
CA VAL C 189 14.20 3.38 -0.75
C VAL C 189 12.83 2.76 -0.93
N GLU C 190 11.88 3.13 -0.08
CA GLU C 190 10.53 2.58 -0.20
C GLU C 190 9.90 3.07 -1.51
N ALA C 191 10.10 4.34 -1.81
CA ALA C 191 9.53 4.92 -3.03
C ALA C 191 10.05 4.19 -4.27
N GLN C 192 11.35 3.93 -4.30
CA GLN C 192 11.93 3.24 -5.45
C GLN C 192 11.42 1.81 -5.55
N LEU C 193 11.26 1.13 -4.41
CA LEU C 193 10.76 -0.23 -4.44
C LEU C 193 9.34 -0.30 -4.99
N ARG C 194 8.49 0.62 -4.57
CA ARG C 194 7.11 0.61 -5.06
C ARG C 194 7.03 1.07 -6.51
N ALA C 195 7.94 1.96 -6.90
CA ALA C 195 7.96 2.47 -8.26
C ALA C 195 8.39 1.38 -9.23
N HIS C 196 9.38 0.59 -8.84
CA HIS C 196 9.87 -0.49 -9.70
C HIS C 196 9.12 -1.81 -9.62
N PHE C 197 8.54 -2.12 -8.47
CA PHE C 197 7.84 -3.40 -8.32
C PHE C 197 6.35 -3.33 -8.00
N GLY C 198 5.82 -2.12 -7.87
CA GLY C 198 4.40 -1.93 -7.61
C GLY C 198 3.71 -2.81 -6.58
N GLU C 199 2.69 -3.53 -7.03
CA GLU C 199 1.89 -4.39 -6.15
C GLU C 199 2.66 -5.51 -5.46
N LYS C 200 3.87 -5.81 -5.93
CA LYS C 200 4.66 -6.87 -5.31
C LYS C 200 5.09 -6.45 -3.89
N VAL C 201 5.15 -5.16 -3.66
CA VAL C 201 5.56 -4.65 -2.35
C VAL C 201 4.38 -4.58 -1.39
N PHE C 202 4.53 -5.24 -0.24
CA PHE C 202 3.47 -5.24 0.77
C PHE C 202 3.15 -3.83 1.23
N TRP C 203 1.89 -3.58 1.55
CA TRP C 203 1.49 -2.27 2.04
C TRP C 203 2.11 -2.04 3.40
N THR C 204 2.15 -3.09 4.21
CA THR C 204 2.70 -3.01 5.55
C THR C 204 4.21 -2.91 5.54
N VAL C 205 4.72 -1.88 6.22
CA VAL C 205 6.16 -1.65 6.33
C VAL C 205 6.55 -1.86 7.80
N ILE C 206 7.63 -2.57 8.05
CA ILE C 206 8.06 -2.80 9.42
C ILE C 206 8.94 -1.63 9.85
N PRO C 207 8.51 -0.88 10.87
CA PRO C 207 9.32 0.26 11.32
C PRO C 207 10.50 -0.20 12.16
N ARG C 208 11.57 0.58 12.19
CA ARG C 208 12.70 0.22 13.03
C ARG C 208 12.21 0.49 14.45
N ASN C 209 12.34 -0.49 15.32
CA ASN C 209 11.93 -0.35 16.70
C ASN C 209 12.76 -1.31 17.55
N VAL C 210 13.48 -0.77 18.51
CA VAL C 210 14.36 -1.59 19.34
C VAL C 210 13.72 -2.78 20.04
N ARG C 211 12.41 -2.72 20.30
CA ARG C 211 11.74 -3.85 20.95
C ARG C 211 11.87 -5.11 20.09
N LEU C 212 11.91 -4.93 18.77
CA LEU C 212 12.04 -6.06 17.87
C LEU C 212 13.40 -6.72 18.03
N ALA C 213 14.42 -5.92 18.33
CA ALA C 213 15.77 -6.44 18.49
C ALA C 213 15.94 -7.04 19.90
N GLU C 214 15.21 -6.50 20.86
CA GLU C 214 15.27 -6.98 22.24
C GLU C 214 14.62 -8.34 22.44
N ALA C 215 13.43 -8.52 21.84
CA ALA C 215 12.66 -9.75 21.99
C ALA C 215 13.47 -11.06 21.98
N PRO C 216 14.31 -11.26 20.96
CA PRO C 216 15.12 -12.48 20.87
C PRO C 216 16.02 -12.73 22.08
N SER C 217 16.48 -11.67 22.73
CA SER C 217 17.36 -11.83 23.88
C SER C 217 16.64 -12.49 25.06
N PHE C 218 15.31 -12.44 25.03
CA PHE C 218 14.49 -13.05 26.07
C PHE C 218 13.89 -14.35 25.56
N GLY C 219 14.24 -14.73 24.34
CA GLY C 219 13.72 -15.95 23.76
C GLY C 219 12.24 -15.83 23.46
N LYS C 220 11.78 -14.60 23.21
CA LYS C 220 10.37 -14.37 22.96
C LYS C 220 10.06 -13.69 21.62
N THR C 221 8.87 -13.95 21.09
CA THR C 221 8.47 -13.32 19.84
C THR C 221 8.03 -11.91 20.24
N ILE C 222 7.83 -11.03 19.26
CA ILE C 222 7.42 -9.68 19.60
C ILE C 222 6.03 -9.69 20.22
N ALA C 223 5.20 -10.68 19.85
CA ALA C 223 3.86 -10.79 20.40
C ALA C 223 3.93 -11.07 21.90
N GLN C 224 5.01 -11.68 22.34
CA GLN C 224 5.19 -12.01 23.76
C GLN C 224 5.93 -10.90 24.49
N HIS C 225 6.94 -10.34 23.83
CA HIS C 225 7.76 -9.30 24.42
C HIS C 225 7.17 -7.90 24.52
N ALA C 226 6.57 -7.41 23.44
CA ALA C 226 5.98 -6.07 23.42
C ALA C 226 4.78 -6.04 22.48
N PRO C 227 3.68 -6.70 22.86
CA PRO C 227 2.42 -6.80 22.09
C PRO C 227 1.76 -5.52 21.62
N THR C 228 2.08 -4.39 22.25
CA THR C 228 1.47 -3.13 21.84
C THR C 228 2.47 -2.18 21.17
N SER C 229 3.65 -2.68 20.84
CA SER C 229 4.68 -1.86 20.21
C SER C 229 4.44 -1.72 18.70
N PRO C 230 5.07 -0.71 18.08
CA PRO C 230 4.92 -0.49 16.63
C PRO C 230 5.27 -1.72 15.80
N GLY C 231 6.30 -2.46 16.23
CA GLY C 231 6.72 -3.64 15.52
C GLY C 231 5.69 -4.75 15.63
N ALA C 232 5.04 -4.85 16.77
CA ALA C 232 4.03 -5.88 16.97
C ALA C 232 2.84 -5.59 16.06
N HIS C 233 2.38 -4.34 16.03
CA HIS C 233 1.25 -3.98 15.19
C HIS C 233 1.55 -4.23 13.71
N ALA C 234 2.78 -3.91 13.30
CA ALA C 234 3.19 -4.09 11.91
C ALA C 234 3.20 -5.55 11.50
N TYR C 235 3.77 -6.42 12.33
CA TYR C 235 3.81 -7.83 11.99
C TYR C 235 2.44 -8.47 12.07
N ARG C 236 1.56 -7.94 12.92
CA ARG C 236 0.22 -8.48 13.02
C ARG C 236 -0.49 -8.12 11.70
N ARG C 237 -0.31 -6.88 11.27
CA ARG C 237 -0.90 -6.42 10.01
C ARG C 237 -0.32 -7.21 8.84
N LEU C 238 0.97 -7.49 8.89
CA LEU C 238 1.60 -8.25 7.81
C LEU C 238 1.03 -9.65 7.72
N ALA C 239 0.77 -10.29 8.85
CA ALA C 239 0.22 -11.63 8.84
C ALA C 239 -1.10 -11.62 8.07
N GLU C 240 -1.88 -10.56 8.26
CA GLU C 240 -3.16 -10.43 7.55
C GLU C 240 -2.91 -10.32 6.05
N GLU C 241 -1.93 -9.50 5.67
CA GLU C 241 -1.61 -9.33 4.26
C GLU C 241 -1.11 -10.62 3.63
N VAL C 242 -0.28 -11.35 4.38
CA VAL C 242 0.25 -12.60 3.87
C VAL C 242 -0.85 -13.61 3.62
N MET C 243 -1.79 -13.72 4.55
CA MET C 243 -2.90 -14.66 4.39
C MET C 243 -3.73 -14.29 3.18
N ALA C 244 -3.92 -12.99 2.95
CA ALA C 244 -4.69 -12.53 1.81
C ALA C 244 -4.02 -12.92 0.49
N ARG C 245 -2.71 -12.76 0.42
CA ARG C 245 -1.98 -13.12 -0.79
C ARG C 245 -1.90 -14.62 -0.98
N VAL C 246 -1.89 -15.36 0.12
CA VAL C 246 -1.83 -16.82 0.05
C VAL C 246 -3.15 -17.34 -0.51
N GLN C 247 -4.26 -16.82 0.01
CA GLN C 247 -5.57 -17.25 -0.44
C GLN C 247 -5.84 -16.76 -1.86
N GLU C 248 -5.19 -15.66 -2.22
CA GLU C 248 -5.31 -15.08 -3.55
C GLU C 248 -4.50 -15.91 -4.55
N ALA C 249 -4.81 -15.88 -5.75
N LYS D 5 54.34 -9.21 11.75
CA LYS D 5 53.52 -7.96 11.83
C LYS D 5 52.23 -8.14 11.03
N VAL D 6 51.21 -7.36 11.37
CA VAL D 6 49.93 -7.45 10.69
C VAL D 6 49.86 -6.49 9.51
N ARG D 7 49.53 -7.03 8.35
CA ARG D 7 49.43 -6.22 7.13
C ARG D 7 48.08 -6.47 6.47
N ARG D 8 47.62 -7.72 6.53
CA ARG D 8 46.34 -8.10 5.94
C ARG D 8 45.30 -8.26 7.04
N ILE D 9 44.19 -7.55 6.90
CA ILE D 9 43.13 -7.59 7.89
C ILE D 9 41.81 -8.02 7.28
N ALA D 10 41.22 -9.07 7.81
CA ALA D 10 39.95 -9.55 7.32
C ALA D 10 38.81 -9.00 8.17
N LEU D 11 37.73 -8.58 7.52
CA LEU D 11 36.55 -8.09 8.21
C LEU D 11 35.60 -9.26 8.06
N ALA D 12 35.41 -10.03 9.13
CA ALA D 12 34.57 -11.20 9.06
C ALA D 12 33.63 -11.43 10.24
N ASN D 13 32.49 -12.04 9.93
CA ASN D 13 31.47 -12.38 10.91
C ASN D 13 30.37 -13.01 10.07
N GLN D 14 30.02 -14.26 10.35
CA GLN D 14 28.98 -14.92 9.58
C GLN D 14 27.60 -14.34 9.80
N LYS D 15 27.45 -13.48 10.81
CA LYS D 15 26.15 -12.85 11.06
C LYS D 15 25.97 -11.81 9.96
N GLY D 16 24.80 -11.80 9.33
CA GLY D 16 24.57 -10.85 8.27
C GLY D 16 24.31 -9.42 8.72
N GLY D 17 24.78 -8.47 7.92
CA GLY D 17 24.54 -7.06 8.18
C GLY D 17 25.00 -6.47 9.49
N VAL D 18 26.25 -6.71 9.84
CA VAL D 18 26.80 -6.17 11.08
C VAL D 18 27.86 -5.09 10.85
N GLY D 19 28.02 -4.68 9.59
CA GLY D 19 28.97 -3.63 9.28
C GLY D 19 30.31 -4.06 8.72
N LYS D 20 30.41 -5.27 8.22
CA LYS D 20 31.67 -5.74 7.65
C LYS D 20 32.11 -4.82 6.50
N THR D 21 31.22 -4.64 5.52
CA THR D 21 31.52 -3.83 4.35
C THR D 21 31.68 -2.34 4.66
N THR D 22 30.79 -1.79 5.47
CA THR D 22 30.88 -0.38 5.82
C THR D 22 32.22 -0.13 6.52
N THR D 23 32.62 -1.05 7.38
CA THR D 23 33.89 -0.91 8.10
C THR D 23 35.08 -1.06 7.17
N ALA D 24 35.01 -2.01 6.25
CA ALA D 24 36.11 -2.24 5.32
C ALA D 24 36.36 -1.01 4.46
N ILE D 25 35.29 -0.46 3.88
CA ILE D 25 35.40 0.71 3.03
C ILE D 25 35.89 1.95 3.78
N ASN D 26 35.26 2.24 4.92
CA ASN D 26 35.64 3.43 5.67
C ASN D 26 36.98 3.31 6.39
N LEU D 27 37.36 2.11 6.79
CA LEU D 27 38.65 1.93 7.44
C LEU D 27 39.71 2.21 6.36
N ALA D 28 39.48 1.70 5.16
CA ALA D 28 40.42 1.90 4.06
C ALA D 28 40.54 3.41 3.76
N ALA D 29 39.41 4.09 3.74
CA ALA D 29 39.39 5.52 3.47
C ALA D 29 40.24 6.33 4.44
N TYR D 30 40.15 6.01 5.73
CA TYR D 30 40.91 6.75 6.72
C TYR D 30 42.36 6.29 6.86
N LEU D 31 42.63 5.04 6.51
CA LEU D 31 44.00 4.55 6.56
C LEU D 31 44.75 5.22 5.41
N ALA D 32 44.05 5.40 4.29
CA ALA D 32 44.65 6.05 3.13
C ALA D 32 45.00 7.50 3.48
N ARG D 33 44.12 8.14 4.26
CA ARG D 33 44.33 9.52 4.67
C ARG D 33 45.46 9.66 5.69
N LEU D 34 45.90 8.53 6.25
CA LEU D 34 47.01 8.53 7.20
C LEU D 34 48.30 8.34 6.43
N GLY D 35 48.19 8.36 5.10
CA GLY D 35 49.35 8.20 4.24
C GLY D 35 49.72 6.75 3.96
N LYS D 36 48.79 5.84 4.16
CA LYS D 36 49.06 4.43 3.91
C LYS D 36 48.61 4.00 2.52
N ARG D 37 49.31 3.00 1.96
CA ARG D 37 48.98 2.46 0.66
C ARG D 37 48.06 1.29 1.00
N VAL D 38 46.79 1.43 0.65
CA VAL D 38 45.78 0.42 0.99
C VAL D 38 45.10 -0.29 -0.18
N LEU D 39 44.91 -1.60 -0.01
CA LEU D 39 44.22 -2.42 -0.98
C LEU D 39 43.00 -3.03 -0.29
N LEU D 40 41.83 -2.83 -0.88
CA LEU D 40 40.59 -3.38 -0.35
C LEU D 40 40.16 -4.49 -1.30
N VAL D 41 40.00 -5.70 -0.79
CA VAL D 41 39.60 -6.81 -1.62
C VAL D 41 38.17 -7.23 -1.27
N ASP D 42 37.28 -7.21 -2.25
CA ASP D 42 35.89 -7.59 -2.05
C ASP D 42 35.71 -9.07 -2.37
N LEU D 43 35.54 -9.89 -1.34
CA LEU D 43 35.39 -11.33 -1.52
C LEU D 43 33.94 -11.79 -1.42
N ALA D 44 33.01 -10.85 -1.28
CA ALA D 44 31.61 -11.21 -1.15
C ALA D 44 30.91 -11.36 -2.49
N PRO D 45 30.25 -12.50 -2.72
CA PRO D 45 29.56 -12.69 -3.99
C PRO D 45 28.58 -11.54 -4.22
N GLN D 46 28.04 -11.01 -3.11
CA GLN D 46 27.12 -9.89 -3.16
C GLN D 46 27.79 -8.65 -3.77
N GLY D 47 29.09 -8.53 -3.55
CA GLY D 47 29.84 -7.40 -4.09
C GLY D 47 29.44 -6.02 -3.61
N ASN D 48 29.04 -5.90 -2.35
CA ASN D 48 28.63 -4.60 -1.83
C ASN D 48 29.77 -3.57 -1.74
N ALA D 49 30.95 -4.00 -1.33
CA ALA D 49 32.07 -3.08 -1.23
C ALA D 49 32.34 -2.46 -2.60
N THR D 50 32.27 -3.29 -3.63
CA THR D 50 32.50 -2.84 -4.99
C THR D 50 31.42 -1.85 -5.44
N SER D 51 30.16 -2.21 -5.25
CA SER D 51 29.05 -1.34 -5.61
C SER D 51 29.08 -0.06 -4.79
N GLY D 52 29.40 -0.21 -3.51
CA GLY D 52 29.46 0.92 -2.60
C GLY D 52 30.56 1.91 -2.95
N LEU D 53 31.44 1.53 -3.86
CA LEU D 53 32.52 2.41 -4.28
C LEU D 53 32.32 2.85 -5.73
N GLY D 54 31.10 2.64 -6.22
CA GLY D 54 30.75 3.04 -7.58
C GLY D 54 31.44 2.26 -8.68
N VAL D 55 31.86 1.03 -8.39
CA VAL D 55 32.55 0.24 -9.40
C VAL D 55 31.75 -0.93 -9.96
N ARG D 56 31.81 -1.08 -11.28
CA ARG D 56 31.15 -2.17 -11.99
C ARG D 56 32.26 -2.75 -12.85
N ALA D 57 32.88 -3.82 -12.38
CA ALA D 57 33.99 -4.42 -13.11
C ALA D 57 33.72 -5.77 -13.76
N GLU D 58 34.48 -6.04 -14.82
CA GLU D 58 34.38 -7.29 -15.56
C GLU D 58 35.39 -8.27 -14.97
N ARG D 59 36.48 -7.73 -14.42
CA ARG D 59 37.53 -8.54 -13.83
C ARG D 59 37.83 -8.09 -12.41
N GLY D 60 38.21 -9.03 -11.55
CA GLY D 60 38.51 -8.68 -10.18
C GLY D 60 39.31 -9.75 -9.47
N VAL D 61 39.07 -9.89 -8.17
CA VAL D 61 39.79 -10.86 -7.36
C VAL D 61 39.68 -12.29 -7.92
N TYR D 62 38.56 -12.62 -8.56
CA TYR D 62 38.39 -13.95 -9.12
C TYR D 62 39.49 -14.23 -10.14
N HIS D 63 39.77 -13.23 -10.97
CA HIS D 63 40.78 -13.35 -12.01
C HIS D 63 42.20 -13.34 -11.44
N LEU D 64 42.36 -12.74 -10.27
CA LEU D 64 43.67 -12.74 -9.62
C LEU D 64 43.94 -14.20 -9.27
N LEU D 65 42.90 -14.89 -8.82
CA LEU D 65 43.03 -16.30 -8.46
C LEU D 65 43.34 -17.14 -9.69
N GLN D 66 42.99 -16.63 -10.87
CA GLN D 66 43.23 -17.33 -12.13
C GLN D 66 44.56 -16.93 -12.77
N GLY D 67 45.41 -16.23 -12.03
CA GLY D 67 46.71 -15.85 -12.57
C GLY D 67 46.91 -14.46 -13.17
N GLU D 68 45.85 -13.65 -13.21
CA GLU D 68 45.99 -12.31 -13.76
C GLU D 68 46.71 -11.41 -12.76
N PRO D 69 47.61 -10.54 -13.25
CA PRO D 69 48.39 -9.61 -12.44
C PRO D 69 47.53 -8.62 -11.66
N LEU D 70 47.87 -8.43 -10.39
CA LEU D 70 47.12 -7.52 -9.53
C LEU D 70 47.04 -6.09 -10.08
N GLU D 71 48.16 -5.58 -10.58
CA GLU D 71 48.23 -4.22 -11.10
C GLU D 71 47.17 -3.87 -12.15
N GLY D 72 46.81 -4.83 -12.99
CA GLY D 72 45.82 -4.57 -14.02
C GLY D 72 44.40 -4.87 -13.59
N LEU D 73 44.20 -5.19 -12.31
CA LEU D 73 42.88 -5.50 -11.79
C LEU D 73 42.33 -4.49 -10.79
N VAL D 74 43.22 -3.70 -10.19
CA VAL D 74 42.79 -2.72 -9.20
C VAL D 74 42.15 -1.46 -9.78
N HIS D 75 41.21 -0.91 -9.02
CA HIS D 75 40.49 0.31 -9.39
C HIS D 75 40.83 1.37 -8.35
N PRO D 76 41.25 2.56 -8.80
CA PRO D 76 41.57 3.62 -7.84
C PRO D 76 40.30 4.25 -7.32
N VAL D 77 40.14 4.30 -6.00
CA VAL D 77 38.97 4.91 -5.40
C VAL D 77 39.32 5.54 -4.05
N ASP D 78 38.98 6.82 -3.93
CA ASP D 78 39.21 7.59 -2.71
C ASP D 78 40.59 7.46 -2.08
N GLY D 79 41.64 7.44 -2.90
CA GLY D 79 42.97 7.35 -2.33
C GLY D 79 43.53 5.96 -2.11
N PHE D 80 42.72 4.92 -2.32
CA PHE D 80 43.23 3.57 -2.16
C PHE D 80 42.86 2.74 -3.39
N HIS D 81 43.13 1.44 -3.34
CA HIS D 81 42.82 0.56 -4.45
C HIS D 81 41.78 -0.48 -4.08
N LEU D 82 40.92 -0.80 -5.05
CA LEU D 82 39.89 -1.81 -4.87
C LEU D 82 40.13 -2.96 -5.85
N LEU D 83 40.16 -4.18 -5.33
CA LEU D 83 40.27 -5.39 -6.14
C LEU D 83 38.82 -5.84 -6.04
N PRO D 84 38.02 -5.51 -7.07
CA PRO D 84 36.58 -5.83 -7.13
C PRO D 84 36.03 -7.24 -7.21
N ALA D 85 34.78 -7.34 -6.76
CA ALA D 85 34.04 -8.59 -6.80
C ALA D 85 33.38 -8.55 -8.17
N THR D 86 33.11 -9.72 -8.73
CA THR D 86 32.47 -9.83 -10.03
C THR D 86 31.48 -10.99 -9.91
N PRO D 87 30.58 -11.14 -10.89
CA PRO D 87 29.62 -12.24 -10.80
C PRO D 87 30.27 -13.63 -10.76
N ASP D 88 31.56 -13.71 -11.05
CA ASP D 88 32.28 -14.98 -11.04
C ASP D 88 32.41 -15.55 -9.63
N LEU D 89 32.26 -14.70 -8.62
CA LEU D 89 32.39 -15.16 -7.24
C LEU D 89 31.29 -16.13 -6.82
N VAL D 90 30.19 -16.15 -7.57
CA VAL D 90 29.10 -17.07 -7.27
C VAL D 90 29.65 -18.48 -7.44
N GLY D 91 30.24 -18.75 -8.61
CA GLY D 91 30.79 -20.05 -8.86
C GLY D 91 32.02 -20.31 -8.00
N ALA D 92 32.72 -19.23 -7.65
CA ALA D 92 33.92 -19.33 -6.84
C ALA D 92 33.65 -20.00 -5.49
N THR D 93 32.45 -19.81 -4.95
CA THR D 93 32.11 -20.41 -3.66
C THR D 93 32.25 -21.92 -3.69
N VAL D 94 31.97 -22.51 -4.84
CA VAL D 94 32.05 -23.95 -5.02
C VAL D 94 33.44 -24.37 -5.53
N GLU D 95 33.97 -23.61 -6.48
CA GLU D 95 35.28 -23.89 -7.04
C GLU D 95 36.41 -23.89 -6.01
N LEU D 96 36.33 -22.99 -5.04
CA LEU D 96 37.37 -22.87 -4.02
C LEU D 96 37.26 -23.86 -2.86
N ALA D 97 36.27 -24.73 -2.90
CA ALA D 97 36.11 -25.73 -1.84
C ALA D 97 37.35 -26.63 -1.84
N GLY D 98 38.04 -26.70 -0.71
CA GLY D 98 39.23 -27.54 -0.63
C GLY D 98 40.51 -26.80 -1.02
N ALA D 99 40.39 -25.51 -1.31
CA ALA D 99 41.55 -24.70 -1.67
C ALA D 99 41.51 -23.41 -0.86
N PRO D 100 41.61 -23.53 0.48
CA PRO D 100 41.58 -22.37 1.36
C PRO D 100 42.77 -21.42 1.26
N THR D 101 43.88 -21.87 0.66
CA THR D 101 45.06 -21.03 0.55
C THR D 101 45.24 -20.39 -0.83
N ALA D 102 44.23 -20.50 -1.68
CA ALA D 102 44.29 -19.93 -3.02
C ALA D 102 44.56 -18.42 -3.03
N LEU D 103 43.83 -17.68 -2.21
CA LEU D 103 44.02 -16.24 -2.15
C LEU D 103 45.40 -15.89 -1.58
N ARG D 104 45.78 -16.56 -0.50
CA ARG D 104 47.06 -16.30 0.12
C ARG D 104 48.21 -16.44 -0.86
N GLU D 105 48.16 -17.47 -1.70
CA GLU D 105 49.22 -17.72 -2.67
C GLU D 105 49.15 -16.81 -3.89
N ALA D 106 48.01 -16.16 -4.11
CA ALA D 106 47.87 -15.27 -5.26
C ALA D 106 48.06 -13.79 -4.95
N LEU D 107 48.01 -13.44 -3.66
CA LEU D 107 48.15 -12.04 -3.26
C LEU D 107 49.58 -11.50 -3.26
N ARG D 108 50.03 -11.01 -4.41
CA ARG D 108 51.35 -10.41 -4.53
C ARG D 108 51.09 -8.94 -4.23
N ASP D 109 50.85 -8.65 -2.95
CA ASP D 109 50.54 -7.29 -2.52
C ASP D 109 51.63 -6.59 -1.73
N GLU D 110 52.88 -7.01 -1.90
CA GLU D 110 53.98 -6.39 -1.17
C GLU D 110 54.09 -4.88 -1.38
N GLY D 111 53.42 -4.38 -2.41
CA GLY D 111 53.47 -2.95 -2.69
C GLY D 111 52.52 -2.12 -1.85
N TYR D 112 51.78 -2.79 -0.96
CA TYR D 112 50.82 -2.10 -0.09
C TYR D 112 51.21 -2.16 1.38
N ASP D 113 50.80 -1.15 2.13
CA ASP D 113 51.08 -1.10 3.56
C ASP D 113 50.06 -1.97 4.29
N LEU D 114 48.81 -1.85 3.89
CA LEU D 114 47.74 -2.63 4.51
C LEU D 114 46.77 -3.16 3.47
N VAL D 115 46.24 -4.34 3.75
CA VAL D 115 45.29 -4.99 2.84
C VAL D 115 44.06 -5.39 3.65
N LEU D 116 42.89 -4.94 3.20
CA LEU D 116 41.64 -5.25 3.88
C LEU D 116 40.82 -6.22 3.04
N LEU D 117 40.35 -7.29 3.67
CA LEU D 117 39.55 -8.30 2.97
C LEU D 117 38.13 -8.31 3.50
N ASP D 118 37.17 -7.94 2.66
CA ASP D 118 35.76 -7.92 3.04
C ASP D 118 35.15 -9.28 2.74
N ALA D 119 34.73 -10.00 3.78
CA ALA D 119 34.16 -11.34 3.62
C ALA D 119 32.65 -11.38 3.69
N PRO D 120 32.03 -12.37 3.04
CA PRO D 120 30.56 -12.49 3.07
C PRO D 120 30.11 -13.08 4.40
N PRO D 121 28.81 -12.97 4.72
CA PRO D 121 28.29 -13.50 5.97
C PRO D 121 28.14 -15.02 5.91
N SER D 122 29.26 -15.72 6.02
CA SER D 122 29.26 -17.18 5.96
C SER D 122 30.64 -17.69 6.26
N LEU D 123 30.77 -19.02 6.29
CA LEU D 123 32.05 -19.67 6.52
C LEU D 123 32.36 -20.43 5.24
N SER D 124 31.98 -19.83 4.11
CA SER D 124 32.20 -20.45 2.81
C SER D 124 33.68 -20.39 2.44
N PRO D 125 34.07 -21.06 1.34
CA PRO D 125 35.46 -21.07 0.91
C PRO D 125 36.04 -19.66 0.71
N LEU D 126 35.19 -18.70 0.35
CA LEU D 126 35.67 -17.33 0.16
C LEU D 126 36.10 -16.74 1.50
N THR D 127 35.29 -16.98 2.54
CA THR D 127 35.63 -16.47 3.86
C THR D 127 36.87 -17.20 4.37
N LEU D 128 36.95 -18.50 4.08
CA LEU D 128 38.10 -19.29 4.51
C LEU D 128 39.37 -18.76 3.86
N ASN D 129 39.27 -18.38 2.58
CA ASN D 129 40.42 -17.84 1.87
C ASN D 129 40.84 -16.52 2.49
N ALA D 130 39.87 -15.73 2.94
CA ALA D 130 40.16 -14.44 3.57
C ALA D 130 40.90 -14.68 4.89
N LEU D 131 40.42 -15.65 5.66
CA LEU D 131 41.02 -15.96 6.96
C LEU D 131 42.39 -16.63 6.85
N ALA D 132 42.59 -17.39 5.78
CA ALA D 132 43.85 -18.08 5.56
C ALA D 132 44.90 -17.12 5.01
N ALA D 133 44.46 -16.02 4.40
CA ALA D 133 45.38 -15.04 3.84
C ALA D 133 45.74 -13.91 4.80
N ALA D 134 44.82 -13.56 5.70
CA ALA D 134 45.04 -12.49 6.66
C ALA D 134 45.95 -12.83 7.82
N GLU D 135 46.42 -11.80 8.52
CA GLU D 135 47.26 -11.95 9.70
C GLU D 135 46.44 -11.50 10.91
N GLY D 136 45.47 -10.61 10.64
CA GLY D 136 44.64 -10.11 11.71
C GLY D 136 43.17 -10.08 11.30
N VAL D 137 42.29 -10.12 12.29
CA VAL D 137 40.87 -10.10 12.00
C VAL D 137 40.16 -9.04 12.84
N VAL D 138 39.32 -8.24 12.19
CA VAL D 138 38.52 -7.25 12.88
C VAL D 138 37.12 -7.82 12.80
N VAL D 139 36.51 -8.05 13.96
CA VAL D 139 35.17 -8.61 14.02
C VAL D 139 34.14 -7.55 14.38
N PRO D 140 33.36 -7.11 13.39
CA PRO D 140 32.33 -6.10 13.66
C PRO D 140 31.15 -6.79 14.35
N VAL D 141 30.70 -6.22 15.46
CA VAL D 141 29.57 -6.80 16.18
C VAL D 141 28.51 -5.72 16.38
N GLN D 142 27.38 -5.90 15.71
CA GLN D 142 26.28 -4.96 15.82
C GLN D 142 25.84 -4.92 17.28
N ALA D 143 25.48 -3.73 17.77
CA ALA D 143 25.07 -3.61 19.16
C ALA D 143 23.66 -4.15 19.45
N GLU D 144 23.41 -5.39 19.05
CA GLU D 144 22.11 -6.02 19.27
C GLU D 144 22.32 -7.46 19.75
N TYR D 145 21.23 -8.16 20.04
CA TYR D 145 21.34 -9.53 20.54
C TYR D 145 21.94 -10.61 19.65
N TYR D 146 21.40 -10.80 18.45
CA TYR D 146 21.94 -11.84 17.58
C TYR D 146 23.44 -11.75 17.34
N ALA D 147 23.95 -10.56 17.05
CA ALA D 147 25.37 -10.42 16.80
C ALA D 147 26.17 -10.76 18.07
N LEU D 148 25.67 -10.33 19.22
CA LEU D 148 26.33 -10.61 20.49
C LEU D 148 26.38 -12.12 20.76
N GLU D 149 25.24 -12.79 20.53
CA GLU D 149 25.15 -14.22 20.76
C GLU D 149 26.14 -15.02 19.92
N GLY D 150 26.51 -14.50 18.76
CA GLY D 150 27.41 -15.21 17.89
C GLY D 150 28.91 -15.08 18.14
N VAL D 151 29.30 -14.09 18.93
CA VAL D 151 30.72 -13.86 19.20
C VAL D 151 31.48 -15.07 19.74
N ALA D 152 30.93 -15.73 20.75
CA ALA D 152 31.59 -16.89 21.33
C ALA D 152 31.95 -17.94 20.28
N GLY D 153 30.98 -18.32 19.47
CA GLY D 153 31.21 -19.30 18.43
C GLY D 153 32.19 -18.82 17.37
N LEU D 154 32.13 -17.52 17.07
CA LEU D 154 33.00 -16.92 16.07
C LEU D 154 34.47 -16.98 16.50
N LEU D 155 34.73 -16.62 17.75
CA LEU D 155 36.10 -16.65 18.27
C LEU D 155 36.64 -18.08 18.33
N ALA D 156 35.76 -19.04 18.55
CA ALA D 156 36.14 -20.44 18.62
C ALA D 156 36.56 -20.91 17.22
N THR D 157 35.85 -20.40 16.20
CA THR D 157 36.15 -20.76 14.82
C THR D 157 37.49 -20.18 14.42
N LEU D 158 37.73 -18.92 14.78
CA LEU D 158 38.99 -18.28 14.46
C LEU D 158 40.14 -19.07 15.06
N GLU D 159 39.89 -19.67 16.23
CA GLU D 159 40.90 -20.47 16.90
C GLU D 159 41.18 -21.74 16.11
N GLU D 160 40.13 -22.32 15.54
CA GLU D 160 40.29 -23.54 14.75
C GLU D 160 41.14 -23.21 13.53
N VAL D 161 41.05 -21.97 13.05
CA VAL D 161 41.83 -21.53 11.90
C VAL D 161 43.29 -21.39 12.26
N ARG D 162 43.57 -20.66 13.33
CA ARG D 162 44.95 -20.45 13.77
C ARG D 162 45.56 -21.77 14.20
N ALA D 163 44.70 -22.75 14.50
CA ALA D 163 45.15 -24.06 14.95
C ALA D 163 45.97 -24.78 13.88
N GLY D 164 45.58 -24.63 12.61
CA GLY D 164 46.30 -25.28 11.55
C GLY D 164 46.33 -24.54 10.23
N LEU D 165 45.16 -24.18 9.73
CA LEU D 165 45.04 -23.47 8.45
C LEU D 165 45.89 -22.20 8.38
N ASN D 166 45.89 -21.42 9.46
CA ASN D 166 46.67 -20.19 9.47
C ASN D 166 47.16 -19.84 10.89
N PRO D 167 48.27 -20.46 11.32
CA PRO D 167 48.86 -20.25 12.64
C PRO D 167 49.18 -18.78 12.96
N ARG D 168 49.36 -17.97 11.92
CA ARG D 168 49.68 -16.56 12.14
C ARG D 168 48.46 -15.66 12.20
N LEU D 169 47.27 -16.25 12.31
CA LEU D 169 46.05 -15.47 12.38
C LEU D 169 45.77 -15.05 13.83
N ARG D 170 45.46 -13.77 14.01
CA ARG D 170 45.17 -13.25 15.34
C ARG D 170 43.98 -12.28 15.31
N LEU D 171 43.26 -12.21 16.42
CA LEU D 171 42.12 -11.30 16.52
C LEU D 171 42.69 -9.90 16.72
N LEU D 172 42.53 -9.04 15.72
CA LEU D 172 43.04 -7.68 15.85
C LEU D 172 42.14 -6.95 16.84
N GLY D 173 40.84 -7.23 16.77
CA GLY D 173 39.93 -6.57 17.69
C GLY D 173 38.46 -6.77 17.37
N ILE D 174 37.62 -6.50 18.35
CA ILE D 174 36.17 -6.61 18.20
C ILE D 174 35.67 -5.18 18.14
N LEU D 175 34.93 -4.87 17.08
CA LEU D 175 34.40 -3.52 16.89
C LEU D 175 32.89 -3.47 17.10
N VAL D 176 32.44 -2.63 18.03
CA VAL D 176 31.01 -2.47 18.28
C VAL D 176 30.50 -1.53 17.19
N THR D 177 29.51 -1.97 16.43
CA THR D 177 28.99 -1.16 15.35
C THR D 177 27.49 -0.91 15.47
N MET D 178 27.01 0.02 14.65
CA MET D 178 25.59 0.33 14.59
C MET D 178 25.04 0.49 16.00
N TYR D 179 25.76 1.29 16.78
CA TYR D 179 25.44 1.55 18.17
C TYR D 179 24.57 2.78 18.39
N ASP D 180 23.40 2.60 18.99
CA ASP D 180 22.52 3.74 19.30
C ASP D 180 22.55 3.87 20.81
N GLY D 181 23.33 4.84 21.29
CA GLY D 181 23.46 5.05 22.72
C GLY D 181 22.18 5.37 23.47
N ARG D 182 21.11 5.66 22.74
CA ARG D 182 19.84 5.98 23.37
C ARG D 182 19.06 4.71 23.71
N THR D 183 19.52 3.56 23.23
CA THR D 183 18.83 2.32 23.53
C THR D 183 19.55 1.53 24.60
N LEU D 184 18.79 0.99 25.54
CA LEU D 184 19.34 0.19 26.62
C LEU D 184 20.02 -1.07 26.06
N LEU D 185 19.46 -1.59 24.97
CA LEU D 185 20.03 -2.79 24.34
C LEU D 185 21.47 -2.57 23.90
N ALA D 186 21.72 -1.47 23.19
CA ALA D 186 23.07 -1.18 22.72
C ALA D 186 24.04 -1.06 23.88
N GLN D 187 23.61 -0.34 24.92
CA GLN D 187 24.45 -0.15 26.10
C GLN D 187 24.82 -1.47 26.76
N GLN D 188 23.83 -2.35 26.91
CA GLN D 188 24.06 -3.65 27.53
C GLN D 188 24.93 -4.56 26.68
N VAL D 189 24.76 -4.49 25.36
CA VAL D 189 25.56 -5.32 24.47
C VAL D 189 27.02 -4.88 24.54
N GLU D 190 27.25 -3.58 24.46
CA GLU D 190 28.62 -3.09 24.52
C GLU D 190 29.23 -3.47 25.86
N ALA D 191 28.45 -3.33 26.92
CA ALA D 191 28.92 -3.66 28.27
C ALA D 191 29.30 -5.13 28.39
N GLN D 192 28.50 -6.01 27.81
CA GLN D 192 28.80 -7.43 27.90
C GLN D 192 30.06 -7.77 27.12
N LEU D 193 30.20 -7.21 25.92
CA LEU D 193 31.38 -7.46 25.10
C LEU D 193 32.66 -7.06 25.83
N ARG D 194 32.66 -5.89 26.45
CA ARG D 194 33.84 -5.42 27.17
C ARG D 194 34.11 -6.24 28.41
N ALA D 195 33.06 -6.66 29.11
CA ALA D 195 33.22 -7.45 30.31
C ALA D 195 33.81 -8.82 30.01
N HIS D 196 33.44 -9.39 28.86
CA HIS D 196 33.93 -10.70 28.46
C HIS D 196 35.23 -10.71 27.67
N PHE D 197 35.48 -9.67 26.88
CA PHE D 197 36.68 -9.64 26.04
C PHE D 197 37.68 -8.53 26.31
N GLY D 198 37.39 -7.69 27.29
CA GLY D 198 38.28 -6.61 27.66
C GLY D 198 38.88 -5.75 26.57
N GLU D 199 40.21 -5.66 26.57
CA GLU D 199 40.92 -4.84 25.59
C GLU D 199 40.83 -5.30 24.14
N LYS D 200 40.25 -6.47 23.92
CA LYS D 200 40.09 -6.97 22.55
C LYS D 200 39.10 -6.05 21.83
N VAL D 201 38.20 -5.44 22.60
CA VAL D 201 37.21 -4.53 22.04
C VAL D 201 37.79 -3.15 21.83
N PHE D 202 37.68 -2.62 20.61
CA PHE D 202 38.19 -1.29 20.30
C PHE D 202 37.51 -0.24 21.16
N TRP D 203 38.20 0.87 21.42
CA TRP D 203 37.62 1.93 22.21
C TRP D 203 36.54 2.59 21.39
N THR D 204 36.86 2.84 20.12
CA THR D 204 35.93 3.49 19.23
C THR D 204 34.75 2.58 18.91
N VAL D 205 33.56 3.14 19.08
CA VAL D 205 32.33 2.43 18.80
C VAL D 205 31.72 3.18 17.63
N ILE D 206 31.24 2.47 16.62
CA ILE D 206 30.65 3.15 15.47
C ILE D 206 29.18 3.40 15.77
N PRO D 207 28.79 4.68 15.88
CA PRO D 207 27.41 5.02 16.17
C PRO D 207 26.48 4.84 14.97
N ARG D 208 25.22 4.53 15.24
CA ARG D 208 24.28 4.40 14.13
C ARG D 208 24.00 5.81 13.64
N ASN D 209 24.24 6.04 12.35
CA ASN D 209 23.99 7.33 11.74
C ASN D 209 23.71 7.07 10.27
N VAL D 210 22.56 7.56 9.81
CA VAL D 210 22.13 7.32 8.44
C VAL D 210 23.11 7.73 7.32
N ARG D 211 23.96 8.71 7.56
CA ARG D 211 24.90 9.11 6.51
C ARG D 211 25.78 7.93 6.10
N LEU D 212 26.05 7.02 7.04
CA LEU D 212 26.87 5.86 6.75
C LEU D 212 26.18 4.91 5.76
N ALA D 213 24.86 4.89 5.81
CA ALA D 213 24.08 4.04 4.91
C ALA D 213 23.89 4.74 3.57
N GLU D 214 23.87 6.07 3.61
CA GLU D 214 23.68 6.87 2.41
C GLU D 214 24.90 6.86 1.47
N ALA D 215 26.08 6.98 2.07
CA ALA D 215 27.33 7.05 1.34
C ALA D 215 27.47 6.11 0.14
N PRO D 216 27.24 4.79 0.35
CA PRO D 216 27.36 3.82 -0.74
C PRO D 216 26.45 4.12 -1.94
N SER D 217 25.30 4.73 -1.69
CA SER D 217 24.37 5.02 -2.80
C SER D 217 24.95 6.04 -3.78
N PHE D 218 25.98 6.77 -3.34
CA PHE D 218 26.62 7.76 -4.19
C PHE D 218 27.98 7.23 -4.63
N GLY D 219 28.28 6.01 -4.21
CA GLY D 219 29.56 5.40 -4.54
C GLY D 219 30.68 6.11 -3.81
N LYS D 220 30.38 6.63 -2.63
CA LYS D 220 31.38 7.37 -1.85
C LYS D 220 31.64 6.80 -0.48
N THR D 221 32.83 7.03 0.04
CA THR D 221 33.18 6.58 1.38
C THR D 221 32.54 7.65 2.28
N ILE D 222 32.52 7.40 3.59
CA ILE D 222 31.92 8.39 4.49
C ILE D 222 32.80 9.64 4.53
N ALA D 223 34.08 9.48 4.28
CA ALA D 223 35.01 10.60 4.28
C ALA D 223 34.67 11.57 3.15
N GLN D 224 34.11 11.01 2.07
CA GLN D 224 33.73 11.81 0.92
C GLN D 224 32.30 12.33 1.02
N HIS D 225 31.40 11.49 1.52
CA HIS D 225 29.99 11.85 1.63
C HIS D 225 29.59 12.80 2.77
N ALA D 226 30.06 12.52 3.98
CA ALA D 226 29.73 13.35 5.14
C ALA D 226 30.95 13.34 6.06
N PRO D 227 32.00 14.08 5.67
CA PRO D 227 33.27 14.20 6.41
C PRO D 227 33.24 14.59 7.87
N THR D 228 32.18 15.26 8.32
CA THR D 228 32.10 15.66 9.72
C THR D 228 30.94 15.03 10.49
N SER D 229 30.39 13.95 9.94
CA SER D 229 29.28 13.26 10.61
C SER D 229 29.81 12.32 11.70
N PRO D 230 28.94 11.85 12.60
CA PRO D 230 29.40 10.95 13.67
C PRO D 230 30.16 9.72 13.19
N GLY D 231 29.72 9.13 12.09
CA GLY D 231 30.38 7.96 11.55
C GLY D 231 31.76 8.27 11.00
N ALA D 232 31.92 9.48 10.47
CA ALA D 232 33.20 9.91 9.92
C ALA D 232 34.21 10.00 11.06
N HIS D 233 33.83 10.71 12.13
CA HIS D 233 34.72 10.86 13.27
C HIS D 233 35.05 9.50 13.87
N ALA D 234 34.06 8.61 13.93
CA ALA D 234 34.26 7.29 14.50
C ALA D 234 35.25 6.43 13.70
N TYR D 235 35.08 6.38 12.39
CA TYR D 235 35.98 5.57 11.58
C TYR D 235 37.38 6.18 11.52
N ARG D 236 37.48 7.50 11.69
CA ARG D 236 38.78 8.15 11.68
C ARG D 236 39.57 7.67 12.90
N ARG D 237 38.89 7.61 14.05
CA ARG D 237 39.53 7.16 15.29
C ARG D 237 39.85 5.67 15.22
N LEU D 238 39.00 4.90 14.54
CA LEU D 238 39.25 3.47 14.42
C LEU D 238 40.54 3.22 13.65
N ALA D 239 40.73 3.98 12.58
CA ALA D 239 41.94 3.84 11.75
C ALA D 239 43.18 4.07 12.62
N GLU D 240 43.09 5.04 13.51
CA GLU D 240 44.23 5.34 14.39
C GLU D 240 44.41 4.18 15.37
N GLU D 241 43.29 3.61 15.83
CA GLU D 241 43.35 2.49 16.74
C GLU D 241 43.93 1.25 16.06
N VAL D 242 43.53 1.04 14.81
CA VAL D 242 44.03 -0.10 14.05
C VAL D 242 45.54 0.03 13.83
N MET D 243 45.98 1.22 13.44
CA MET D 243 47.41 1.44 13.22
C MET D 243 48.19 1.18 14.51
N ALA D 244 47.62 1.58 15.65
CA ALA D 244 48.28 1.37 16.93
C ALA D 244 48.40 -0.13 17.22
N ARG D 245 47.31 -0.86 16.99
CA ARG D 245 47.31 -2.30 17.24
C ARG D 245 48.17 -3.06 16.25
N VAL D 246 48.28 -2.55 15.03
CA VAL D 246 49.09 -3.19 14.00
C VAL D 246 50.57 -3.09 14.36
N GLN D 247 50.97 -1.95 14.91
CA GLN D 247 52.37 -1.72 15.28
C GLN D 247 52.72 -2.36 16.61
N GLU D 248 53.92 -2.50 16.89
PG ATP E . -25.57 7.57 -5.29
O1G ATP E . -26.41 7.92 -6.46
O2G ATP E . -24.64 8.64 -4.86
O3G ATP E . -26.42 7.06 -4.16
PB ATP E . -23.86 5.36 -4.66
O1B ATP E . -22.41 5.58 -4.56
O2B ATP E . -24.72 4.23 -4.32
O3B ATP E . -24.57 6.36 -5.73
PA ATP E . -23.90 3.24 -6.77
O1A ATP E . -23.87 2.04 -5.93
O2A ATP E . -25.17 3.60 -7.46
O3A ATP E . -23.36 4.50 -5.91
O5' ATP E . -22.75 3.06 -7.86
C5' ATP E . -22.64 3.89 -9.04
C4' ATP E . -22.86 3.09 -10.31
O4' ATP E . -21.71 2.22 -10.49
C3' ATP E . -24.08 2.18 -10.31
O3' ATP E . -24.60 2.22 -11.65
C2' ATP E . -23.51 0.85 -9.93
O2' ATP E . -24.26 -0.25 -10.45
C1' ATP E . -22.09 0.84 -10.51
N9 ATP E . -21.09 0.11 -9.70
C8 ATP E . -20.91 0.08 -8.34
N7 ATP E . -19.78 -0.44 -7.95
C5 ATP E . -19.28 -0.94 -9.13
C6 ATP E . -18.09 -1.68 -9.42
N6 ATP E . -17.20 -1.93 -8.48
N1 ATP E . -17.89 -2.11 -10.70
C2 ATP E . -18.74 -1.74 -11.66
N3 ATP E . -19.90 -1.05 -11.52
C4 ATP E . -20.09 -0.66 -10.20
MG MG F . -26.95 5.06 -3.73
PG ATP G . -21.88 14.00 -8.35
O1G ATP G . -21.03 13.65 -7.18
O2G ATP G . -23.19 13.34 -8.39
O3G ATP G . -21.97 15.49 -8.50
PB ATP G . -21.45 14.03 -11.14
O1B ATP G . -22.24 13.12 -11.99
O2B ATP G . -20.60 15.17 -11.45
O3B ATP G . -21.15 13.42 -9.68
PA ATP G . -18.66 13.21 -11.91
O1A ATP G . -18.45 14.11 -13.04
O2A ATP G . -17.99 13.51 -10.62
O3A ATP G . -20.28 13.09 -11.68
O5' ATP G . -18.28 11.77 -12.40
C5' ATP G . -18.08 10.66 -11.51
C4' ATP G . -16.64 10.18 -11.55
O4' ATP G . -16.42 9.58 -12.86
C3' ATP G . -15.59 11.27 -11.40
O3' ATP G . -14.55 10.68 -10.59
C2' ATP G . -15.18 11.55 -12.82
O2' ATP G . -13.83 12.02 -12.93
C1' ATP G . -15.35 10.22 -13.57
N9 ATP G . -15.78 10.34 -14.98
C8 ATP G . -16.77 11.10 -15.54
N7 ATP G . -17.07 10.79 -16.78
C5 ATP G . -16.09 9.85 -17.08
C6 ATP G . -15.81 9.09 -18.26
N6 ATP G . -16.54 9.26 -19.37
N1 ATP G . -14.79 8.20 -18.23
C2 ATP G . -14.07 8.06 -17.12
N3 ATP G . -14.16 8.78 -15.98
C4 ATP G . -15.25 9.62 -16.01
MG MG H . -20.70 16.76 -9.69
PG ATP I . 21.02 -12.75 8.69
O1G ATP I . 22.18 -12.75 9.60
O2G ATP I . 21.29 -12.33 7.31
O3G ATP I . 20.29 -14.07 8.75
PB ATP I . 18.41 -11.63 8.80
O1B ATP I . 18.04 -10.52 7.92
O2B ATP I . 17.65 -12.50 9.69
O3B ATP I . 20.00 -11.61 9.22
PA ATP I . 17.83 -10.30 11.43
O1A ATP I . 16.42 -10.68 11.59
O2A ATP I . 18.85 -10.97 12.27
O3A ATP I . 18.22 -10.46 9.86
O5' ATP I . 17.89 -8.75 11.63
C5' ATP I . 19.14 -8.02 11.82
C4' ATP I . 19.21 -7.41 13.21
O4' ATP I . 18.27 -6.32 13.25
C3' ATP I . 18.84 -8.34 14.36
O3' ATP I . 19.74 -7.99 15.43
C2' ATP I . 17.41 -7.98 14.63
O2' ATP I . 17.04 -8.18 15.99
C1' ATP I . 17.28 -6.49 14.27
N9 ATP I . 15.98 -6.11 13.67
C8 ATP I . 15.25 -6.71 12.66
N7 ATP I . 14.17 -6.07 12.30
C5 ATP I . 14.21 -4.94 13.12
C6 ATP I . 13.40 -3.77 13.18
N6 ATP I . 12.39 -3.58 12.34
N1 ATP I . 13.66 -2.84 14.14
C2 ATP I . 14.71 -3.03 14.97
N3 ATP I . 15.54 -4.08 15.01
C4 ATP I . 15.26 -5.00 14.01
MG MG J . 18.66 -14.62 9.97
PG ATP K . 26.55 -8.49 4.79
O1G ATP K . 25.39 -8.43 3.89
O2G ATP K . 26.49 -9.50 5.85
O3G ATP K . 27.84 -8.54 4.02
PB ATP K . 27.93 -6.52 6.34
O1B ATP K . 27.87 -6.59 7.81
O2B ATP K . 28.71 -5.74 5.39
O3B ATP K . 26.57 -7.10 5.65
PA ATP K . 26.82 -3.75 5.92
O1A ATP K . 28.08 -2.98 5.95
O2A ATP K . 26.15 -3.97 4.61
O3A ATP K . 27.10 -5.19 6.66
O5' ATP K . 25.84 -3.04 6.92
C5' ATP K . 24.42 -3.32 6.99
C4' ATP K . 23.58 -2.14 6.54
O4' ATP K . 23.64 -1.13 7.58
C3' ATP K . 24.04 -1.46 5.25
O3' ATP K . 22.84 -1.07 4.56
C2' ATP K . 24.86 -0.32 5.75
O2' ATP K . 24.85 0.80 4.85
C1' ATP K . 24.22 0.09 7.09
N9 ATP K . 25.18 0.54 8.14
C8 ATP K . 26.39 0.03 8.52
N7 ATP K . 26.94 0.59 9.57
C5 ATP K . 26.01 1.57 9.88
C6 ATP K . 25.92 2.52 10.94
N6 ATP K . 26.80 2.52 11.92
N1 ATP K . 24.90 3.42 10.93
C2 ATP K . 23.97 3.36 9.96
N3 ATP K . 23.95 2.53 8.89
C4 ATP K . 24.99 1.61 8.96
MG MG L . 29.06 -6.89 3.39
#